data_8J3V
#
_entry.id   8J3V
#
_entity_poly.entity_id   1
_entity_poly.type   'polypeptide(L)'
_entity_poly.pdbx_seq_one_letter_code
;EPRTHPTWLLHIFIPFSIIAFIFIATVIALRKQLSQKLYSSKDTTKRPVTTTKREVNSAI
;
_entity_poly.pdbx_strand_id   A
#
# COMPACT_ATOMS: atom_id res chain seq x y z
N GLU A 1 33.38 -38.88 0.49
CA GLU A 1 32.21 -39.81 0.50
C GLU A 1 31.40 -39.62 -0.80
N PRO A 2 30.59 -40.61 -1.22
CA PRO A 2 29.80 -40.47 -2.48
C PRO A 2 28.82 -39.28 -2.41
N ARG A 3 28.58 -38.66 -3.54
CA ARG A 3 27.65 -37.50 -3.60
C ARG A 3 26.28 -37.97 -4.08
N THR A 4 25.24 -37.50 -3.43
CA THR A 4 23.85 -37.90 -3.82
C THR A 4 23.02 -36.66 -4.15
N HIS A 5 23.31 -35.55 -3.49
CA HIS A 5 22.56 -34.29 -3.74
C HIS A 5 23.51 -33.28 -4.43
N PRO A 6 23.57 -33.23 -5.78
CA PRO A 6 24.48 -32.26 -6.48
C PRO A 6 24.32 -30.83 -5.95
N THR A 7 25.43 -30.17 -5.72
CA THR A 7 25.41 -28.76 -5.21
C THR A 7 24.88 -27.82 -6.29
N TRP A 8 24.95 -28.23 -7.54
CA TRP A 8 24.45 -27.37 -8.67
C TRP A 8 23.04 -26.88 -8.36
N LEU A 9 22.24 -27.76 -7.83
CA LEU A 9 20.83 -27.39 -7.46
C LEU A 9 20.85 -26.32 -6.38
N LEU A 10 21.74 -26.48 -5.42
CA LEU A 10 21.85 -25.48 -4.32
C LEU A 10 22.30 -24.13 -4.88
N HIS A 11 23.22 -24.18 -5.83
CA HIS A 11 23.75 -22.92 -6.45
C HIS A 11 22.61 -22.14 -7.12
N ILE A 12 21.64 -22.85 -7.68
CA ILE A 12 20.50 -22.16 -8.36
C ILE A 12 19.37 -21.88 -7.36
N PHE A 13 19.23 -22.72 -6.36
CA PHE A 13 18.14 -22.53 -5.34
C PHE A 13 18.45 -21.30 -4.48
N ILE A 14 19.72 -21.09 -4.17
CA ILE A 14 20.11 -19.92 -3.31
C ILE A 14 19.56 -18.61 -3.95
N PRO A 15 19.93 -18.22 -5.19
CA PRO A 15 19.40 -16.95 -5.79
C PRO A 15 17.87 -16.97 -5.92
N PHE A 16 17.34 -18.03 -6.46
CA PHE A 16 15.86 -18.15 -6.66
C PHE A 16 15.13 -18.01 -5.32
N SER A 17 15.73 -18.53 -4.27
CA SER A 17 15.09 -18.48 -2.91
C SER A 17 15.19 -17.06 -2.34
N ILE A 18 16.38 -16.52 -2.32
CA ILE A 18 16.59 -15.14 -1.75
C ILE A 18 15.80 -14.11 -2.56
N ILE A 19 15.93 -14.17 -3.86
CA ILE A 19 15.23 -13.19 -4.75
C ILE A 19 13.71 -13.30 -4.56
N ALA A 20 13.22 -14.52 -4.50
CA ALA A 20 11.74 -14.74 -4.32
C ALA A 20 11.32 -14.26 -2.92
N PHE A 21 12.17 -14.47 -1.94
CA PHE A 21 11.83 -14.05 -0.54
C PHE A 21 11.69 -12.54 -0.47
N ILE A 22 12.64 -11.82 -1.04
CA ILE A 22 12.59 -10.32 -1.00
C ILE A 22 11.42 -9.82 -1.85
N PHE A 23 11.07 -10.55 -2.89
CA PHE A 23 9.95 -10.13 -3.78
C PHE A 23 8.64 -10.11 -2.98
N ILE A 24 8.41 -11.15 -2.22
CA ILE A 24 7.16 -11.22 -1.38
C ILE A 24 7.25 -10.27 -0.20
N ALA A 25 8.45 -9.98 0.26
CA ALA A 25 8.63 -9.07 1.43
C ALA A 25 8.48 -7.61 0.99
N THR A 26 8.88 -7.31 -0.22
CA THR A 26 8.78 -5.91 -0.75
C THR A 26 7.32 -5.57 -1.05
N VAL A 27 6.62 -6.49 -1.68
CA VAL A 27 5.18 -6.24 -2.04
C VAL A 27 4.34 -6.11 -0.76
N ILE A 28 4.54 -7.01 0.18
CA ILE A 28 3.75 -6.94 1.45
C ILE A 28 4.12 -5.67 2.23
N ALA A 29 5.40 -5.37 2.25
CA ALA A 29 5.88 -4.14 2.98
C ALA A 29 5.28 -2.90 2.34
N LEU A 30 5.26 -2.87 1.02
CA LEU A 30 4.69 -1.68 0.29
C LEU A 30 3.21 -1.56 0.62
N ARG A 31 2.51 -2.68 0.61
CA ARG A 31 1.05 -2.67 0.90
C ARG A 31 0.81 -2.26 2.35
N LYS A 32 1.67 -2.72 3.23
CA LYS A 32 1.53 -2.39 4.69
C LYS A 32 1.64 -0.88 4.87
N GLN A 33 2.59 -0.26 4.21
CA GLN A 33 2.78 1.21 4.33
C GLN A 33 1.55 1.93 3.79
N LEU A 34 1.08 1.51 2.63
CA LEU A 34 -0.12 2.14 2.01
C LEU A 34 -1.33 1.95 2.93
N SER A 35 -1.45 0.78 3.51
CA SER A 35 -2.60 0.49 4.42
C SER A 35 -2.58 1.48 5.58
N GLN A 36 -1.42 1.68 6.16
CA GLN A 36 -1.29 2.63 7.30
C GLN A 36 -1.61 4.05 6.83
N LYS A 37 -1.14 4.39 5.65
CA LYS A 37 -1.38 5.75 5.08
C LYS A 37 -2.88 6.04 5.06
N LEU A 38 -3.66 5.10 4.57
CA LEU A 38 -5.14 5.29 4.50
C LEU A 38 -5.72 5.27 5.91
N TYR A 39 -5.62 6.39 6.59
CA TYR A 39 -6.15 6.50 7.98
C TYR A 39 -7.32 7.48 8.01
N SER A 40 -7.15 8.61 7.33
CA SER A 40 -8.23 9.64 7.28
C SER A 40 -8.38 10.17 5.85
N SER A 41 -7.26 10.28 5.15
CA SER A 41 -7.29 10.79 3.75
C SER A 41 -7.88 12.19 3.73
N LYS A 42 -7.02 13.19 3.82
CA LYS A 42 -7.49 14.60 3.80
C LYS A 42 -7.85 15.01 2.38
N ASP A 43 -8.27 16.25 2.21
CA ASP A 43 -8.65 16.76 0.84
C ASP A 43 -9.86 15.97 0.35
N THR A 44 -10.38 16.38 -0.80
CA THR A 44 -11.57 15.68 -1.39
C THR A 44 -12.71 15.69 -0.35
N THR A 45 -12.92 16.82 0.28
CA THR A 45 -14.00 16.96 1.30
C THR A 45 -15.33 17.14 0.60
N LYS A 46 -16.41 16.86 1.31
CA LYS A 46 -17.78 16.99 0.73
C LYS A 46 -18.64 17.81 1.69
N ARG A 47 -18.85 19.06 1.37
CA ARG A 47 -19.68 19.95 2.24
C ARG A 47 -21.18 19.75 1.90
N PRO A 48 -22.11 20.02 2.83
CA PRO A 48 -23.56 19.83 2.55
C PRO A 48 -24.07 20.84 1.52
N VAL A 49 -25.08 20.45 0.76
CA VAL A 49 -25.66 21.35 -0.28
C VAL A 49 -27.17 21.47 -0.04
N THR A 50 -27.64 22.69 0.14
CA THR A 50 -29.09 22.93 0.38
C THR A 50 -29.52 22.24 1.67
N THR A 51 -29.92 23.04 2.65
CA THR A 51 -30.36 22.47 3.96
C THR A 51 -31.71 23.09 4.35
N THR A 52 -31.81 24.39 4.24
CA THR A 52 -33.08 25.09 4.60
C THR A 52 -33.69 25.70 3.34
N LYS A 53 -34.98 25.51 3.16
CA LYS A 53 -35.68 26.06 1.96
C LYS A 53 -35.75 27.58 2.10
N ARG A 54 -35.58 28.28 1.00
CA ARG A 54 -35.62 29.77 1.02
C ARG A 54 -36.95 30.25 0.46
N GLU A 55 -37.27 29.82 -0.74
CA GLU A 55 -38.55 30.24 -1.41
C GLU A 55 -38.59 31.76 -1.49
N VAL A 56 -39.62 32.28 -2.13
CA VAL A 56 -39.77 33.77 -2.28
C VAL A 56 -41.17 34.16 -1.83
N ASN A 57 -41.35 35.44 -1.51
CA ASN A 57 -42.67 35.93 -1.06
C ASN A 57 -43.72 35.66 -2.13
N SER A 58 -43.36 35.92 -3.37
CA SER A 58 -44.30 35.69 -4.51
C SER A 58 -44.64 34.21 -4.60
N ALA A 59 -45.90 33.88 -4.35
CA ALA A 59 -46.34 32.45 -4.41
C ALA A 59 -46.24 31.95 -5.84
N ILE A 60 -46.60 32.79 -6.79
CA ILE A 60 -46.54 32.40 -8.24
C ILE A 60 -45.28 33.01 -8.85
N GLU A 1 24.25 -44.20 -3.53
CA GLU A 1 25.51 -44.65 -4.16
C GLU A 1 25.44 -44.43 -5.69
N PRO A 2 24.43 -44.96 -6.41
CA PRO A 2 24.37 -44.75 -7.89
C PRO A 2 24.25 -43.27 -8.26
N ARG A 3 23.59 -42.50 -7.42
CA ARG A 3 23.42 -41.04 -7.67
C ARG A 3 23.45 -40.29 -6.35
N THR A 4 24.31 -39.29 -6.27
CA THR A 4 24.42 -38.48 -5.01
C THR A 4 23.45 -37.31 -5.10
N HIS A 5 23.12 -36.74 -3.95
CA HIS A 5 22.18 -35.57 -3.91
C HIS A 5 22.70 -34.46 -4.86
N PRO A 6 22.04 -34.18 -6.00
CA PRO A 6 22.55 -33.11 -6.92
C PRO A 6 22.73 -31.77 -6.22
N THR A 7 23.90 -31.20 -6.34
CA THR A 7 24.21 -29.88 -5.70
C THR A 7 23.56 -28.75 -6.50
N TRP A 8 23.41 -28.96 -7.80
CA TRP A 8 22.79 -27.92 -8.69
C TRP A 8 21.45 -27.48 -8.12
N LEU A 9 20.70 -28.42 -7.59
CA LEU A 9 19.35 -28.11 -7.00
C LEU A 9 19.52 -27.08 -5.89
N LEU A 10 20.52 -27.26 -5.06
CA LEU A 10 20.78 -26.31 -3.94
C LEU A 10 21.35 -25.00 -4.50
N HIS A 11 22.19 -25.12 -5.52
CA HIS A 11 22.84 -23.93 -6.14
C HIS A 11 21.83 -23.12 -6.99
N ILE A 12 20.68 -23.68 -7.30
CA ILE A 12 19.68 -22.94 -8.13
C ILE A 12 18.56 -22.38 -7.24
N PHE A 13 18.18 -23.11 -6.23
CA PHE A 13 17.10 -22.65 -5.30
C PHE A 13 17.59 -21.44 -4.49
N ILE A 14 18.85 -21.47 -4.09
CA ILE A 14 19.41 -20.35 -3.28
C ILE A 14 19.32 -19.03 -4.10
N PRO A 15 19.91 -18.91 -5.31
CA PRO A 15 19.79 -17.63 -6.09
C PRO A 15 18.34 -17.17 -6.20
N PHE A 16 17.47 -18.09 -6.57
CA PHE A 16 16.01 -17.76 -6.72
C PHE A 16 15.46 -17.29 -5.38
N SER A 17 15.89 -17.92 -4.31
CA SER A 17 15.40 -17.56 -2.94
C SER A 17 15.81 -16.13 -2.59
N ILE A 18 17.03 -15.77 -2.92
CA ILE A 18 17.54 -14.39 -2.59
C ILE A 18 16.71 -13.34 -3.32
N ILE A 19 16.50 -13.52 -4.60
CA ILE A 19 15.71 -12.53 -5.41
C ILE A 19 14.23 -12.54 -4.96
N ALA A 20 13.78 -13.65 -4.41
CA ALA A 20 12.37 -13.76 -3.95
C ALA A 20 12.19 -13.10 -2.58
N PHE A 21 13.20 -13.20 -1.74
CA PHE A 21 13.14 -12.59 -0.37
C PHE A 21 13.12 -11.07 -0.48
N ILE A 22 13.94 -10.53 -1.37
CA ILE A 22 13.98 -9.05 -1.54
C ILE A 22 12.71 -8.58 -2.23
N PHE A 23 12.23 -9.35 -3.19
CA PHE A 23 10.99 -8.98 -3.93
C PHE A 23 9.79 -8.98 -2.97
N ILE A 24 9.69 -10.01 -2.16
CA ILE A 24 8.53 -10.10 -1.20
C ILE A 24 8.71 -9.09 -0.05
N ALA A 25 9.95 -8.77 0.28
CA ALA A 25 10.22 -7.80 1.39
C ALA A 25 9.83 -6.38 0.98
N THR A 26 9.98 -6.05 -0.28
CA THR A 26 9.61 -4.68 -0.76
C THR A 26 8.10 -4.59 -0.99
N VAL A 27 7.51 -5.68 -1.45
CA VAL A 27 6.04 -5.70 -1.72
C VAL A 27 5.29 -5.80 -0.38
N ILE A 28 5.80 -6.60 0.53
CA ILE A 28 5.13 -6.77 1.86
C ILE A 28 5.12 -5.43 2.61
N ALA A 29 6.23 -4.73 2.56
CA ALA A 29 6.34 -3.42 3.27
C ALA A 29 5.39 -2.40 2.65
N LEU A 30 5.43 -2.28 1.34
CA LEU A 30 4.56 -1.31 0.62
C LEU A 30 3.09 -1.69 0.84
N ARG A 31 2.80 -2.95 0.75
CA ARG A 31 1.38 -3.43 0.94
C ARG A 31 0.94 -3.15 2.38
N LYS A 32 1.81 -3.42 3.31
CA LYS A 32 1.49 -3.18 4.76
C LYS A 32 1.19 -1.70 4.97
N GLN A 33 2.03 -0.85 4.40
CA GLN A 33 1.84 0.62 4.53
C GLN A 33 0.55 1.03 3.82
N LEU A 34 0.30 0.45 2.67
CA LEU A 34 -0.94 0.78 1.89
C LEU A 34 -2.16 0.42 2.73
N SER A 35 -2.11 -0.73 3.38
CA SER A 35 -3.26 -1.17 4.23
C SER A 35 -3.53 -0.13 5.31
N GLN A 36 -2.47 0.36 5.91
CA GLN A 36 -2.61 1.39 6.99
C GLN A 36 -3.21 2.67 6.39
N LYS A 37 -2.75 3.04 5.22
CA LYS A 37 -3.26 4.26 4.53
C LYS A 37 -4.71 4.02 4.11
N LEU A 38 -5.55 4.99 4.40
CA LEU A 38 -7.00 4.88 4.04
C LEU A 38 -7.65 6.25 4.16
N TYR A 39 -7.47 6.88 5.30
CA TYR A 39 -8.07 8.24 5.54
C TYR A 39 -7.05 9.12 6.29
N SER A 40 -5.78 8.87 6.07
CA SER A 40 -4.72 9.67 6.75
C SER A 40 -4.81 11.13 6.29
N SER A 41 -5.00 11.32 5.01
CA SER A 41 -5.10 12.71 4.45
C SER A 41 -5.89 12.66 3.15
N LYS A 42 -6.45 13.80 2.76
CA LYS A 42 -7.24 13.87 1.50
C LYS A 42 -6.70 15.00 0.64
N ASP A 43 -6.30 14.66 -0.57
CA ASP A 43 -5.75 15.69 -1.51
C ASP A 43 -6.83 16.72 -1.83
N THR A 44 -8.04 16.25 -2.06
CA THR A 44 -9.17 17.17 -2.38
C THR A 44 -9.65 17.84 -1.09
N THR A 45 -10.34 18.95 -1.23
CA THR A 45 -10.86 19.69 -0.04
C THR A 45 -12.32 20.07 -0.29
N LYS A 46 -13.16 19.85 0.69
CA LYS A 46 -14.61 20.20 0.55
C LYS A 46 -14.78 21.70 0.70
N ARG A 47 -15.90 22.22 0.25
CA ARG A 47 -16.17 23.68 0.34
C ARG A 47 -16.07 24.14 1.81
N PRO A 48 -15.81 25.43 2.08
CA PRO A 48 -15.71 25.90 3.51
C PRO A 48 -17.00 25.65 4.29
N VAL A 49 -16.87 25.38 5.56
CA VAL A 49 -18.07 25.12 6.42
C VAL A 49 -18.23 26.26 7.44
N THR A 50 -19.42 26.82 7.51
CA THR A 50 -19.68 27.94 8.47
C THR A 50 -21.08 27.79 9.05
N THR A 51 -22.02 27.33 8.23
CA THR A 51 -23.43 27.14 8.69
C THR A 51 -23.92 28.39 9.43
N THR A 52 -24.51 29.31 8.68
CA THR A 52 -25.03 30.57 9.29
C THR A 52 -26.38 30.90 8.67
N LYS A 53 -27.15 31.71 9.35
CA LYS A 53 -28.49 32.10 8.83
C LYS A 53 -28.36 33.37 8.00
N ARG A 54 -28.75 33.29 6.75
CA ARG A 54 -28.66 34.47 5.84
C ARG A 54 -30.07 34.96 5.52
N GLU A 55 -30.27 36.26 5.61
CA GLU A 55 -31.61 36.85 5.32
C GLU A 55 -31.52 37.71 4.06
N VAL A 56 -31.65 37.08 2.92
CA VAL A 56 -31.57 37.82 1.61
C VAL A 56 -32.79 38.73 1.49
N ASN A 57 -33.94 38.22 1.85
CA ASN A 57 -35.20 39.03 1.77
C ASN A 57 -35.24 40.02 2.92
N SER A 58 -36.27 40.84 2.96
CA SER A 58 -36.41 41.86 4.05
C SER A 58 -37.82 41.76 4.64
N ALA A 59 -37.93 42.10 5.91
CA ALA A 59 -39.27 42.05 6.59
C ALA A 59 -40.26 42.95 5.86
N ILE A 60 -39.79 44.11 5.44
CA ILE A 60 -40.67 45.09 4.72
C ILE A 60 -41.84 45.47 5.64
N GLU A 1 22.20 -48.28 -5.42
CA GLU A 1 23.55 -47.77 -5.03
C GLU A 1 23.41 -46.38 -4.38
N PRO A 2 24.35 -45.94 -3.54
CA PRO A 2 24.24 -44.60 -2.89
C PRO A 2 24.08 -43.47 -3.90
N ARG A 3 23.26 -42.49 -3.57
CA ARG A 3 23.02 -41.34 -4.49
C ARG A 3 23.36 -40.04 -3.76
N THR A 4 24.39 -39.37 -4.21
CA THR A 4 24.81 -38.09 -3.57
C THR A 4 23.90 -36.97 -4.04
N HIS A 5 23.87 -35.89 -3.28
CA HIS A 5 23.01 -34.72 -3.65
C HIS A 5 23.90 -33.61 -4.26
N PRO A 6 23.96 -33.46 -5.60
CA PRO A 6 24.82 -32.40 -6.20
C PRO A 6 24.59 -31.03 -5.55
N THR A 7 25.68 -30.35 -5.25
CA THR A 7 25.59 -28.99 -4.60
C THR A 7 25.14 -27.94 -5.62
N TRP A 8 25.31 -28.22 -6.90
CA TRP A 8 24.91 -27.25 -7.97
C TRP A 8 23.43 -26.90 -7.81
N LEU A 9 22.60 -27.90 -7.62
CA LEU A 9 21.14 -27.66 -7.44
C LEU A 9 20.90 -26.81 -6.21
N LEU A 10 21.62 -27.12 -5.14
CA LEU A 10 21.47 -26.33 -3.87
C LEU A 10 21.87 -24.88 -4.15
N HIS A 11 22.92 -24.71 -4.93
CA HIS A 11 23.41 -23.33 -5.26
C HIS A 11 22.52 -22.68 -6.33
N ILE A 12 21.55 -23.40 -6.87
CA ILE A 12 20.65 -22.82 -7.91
C ILE A 12 19.31 -22.43 -7.26
N PHE A 13 18.84 -23.24 -6.34
CA PHE A 13 17.55 -22.95 -5.63
C PHE A 13 17.73 -21.74 -4.72
N ILE A 14 18.84 -21.69 -4.02
CA ILE A 14 19.10 -20.55 -3.09
C ILE A 14 18.97 -19.20 -3.86
N PRO A 15 19.73 -18.94 -4.94
CA PRO A 15 19.57 -17.64 -5.68
C PRO A 15 18.12 -17.38 -6.05
N PHE A 16 17.43 -18.39 -6.52
CA PHE A 16 16.00 -18.24 -6.92
C PHE A 16 15.18 -17.79 -5.71
N SER A 17 15.43 -18.41 -4.58
CA SER A 17 14.68 -18.06 -3.34
C SER A 17 14.98 -16.62 -2.92
N ILE A 18 16.22 -16.21 -3.05
CA ILE A 18 16.63 -14.83 -2.65
C ILE A 18 15.90 -13.80 -3.52
N ILE A 19 15.84 -14.05 -4.81
CA ILE A 19 15.15 -13.10 -5.75
C ILE A 19 13.69 -12.99 -5.34
N ALA A 20 13.06 -14.12 -5.08
CA ALA A 20 11.62 -14.12 -4.67
C ALA A 20 11.45 -13.49 -3.28
N PHE A 21 12.46 -13.65 -2.44
CA PHE A 21 12.39 -13.08 -1.05
C PHE A 21 12.36 -11.55 -1.11
N ILE A 22 13.09 -10.98 -2.04
CA ILE A 22 13.12 -9.48 -2.16
C ILE A 22 11.77 -9.02 -2.71
N PHE A 23 11.27 -9.70 -3.71
CA PHE A 23 9.97 -9.32 -4.33
C PHE A 23 8.84 -9.45 -3.31
N ILE A 24 8.79 -10.57 -2.62
CA ILE A 24 7.71 -10.81 -1.61
C ILE A 24 7.83 -9.80 -0.46
N ALA A 25 9.05 -9.49 -0.08
CA ALA A 25 9.29 -8.52 1.05
C ALA A 25 8.85 -7.11 0.62
N THR A 26 9.14 -6.76 -0.61
CA THR A 26 8.77 -5.40 -1.13
C THR A 26 7.26 -5.20 -1.12
N VAL A 27 6.53 -6.20 -1.58
CA VAL A 27 5.04 -6.09 -1.64
C VAL A 27 4.44 -6.07 -0.24
N ILE A 28 4.96 -6.87 0.66
CA ILE A 28 4.42 -6.92 2.06
C ILE A 28 4.69 -5.57 2.74
N ALA A 29 5.90 -5.07 2.60
CA ALA A 29 6.27 -3.77 3.23
C ALA A 29 5.54 -2.63 2.55
N LEU A 30 5.45 -2.66 1.24
CA LEU A 30 4.77 -1.58 0.47
C LEU A 30 3.27 -1.57 0.83
N ARG A 31 2.67 -2.74 0.83
CA ARG A 31 1.21 -2.83 1.16
C ARG A 31 0.97 -2.50 2.63
N LYS A 32 1.89 -2.90 3.48
CA LYS A 32 1.74 -2.61 4.95
C LYS A 32 1.77 -1.11 5.18
N GLN A 33 2.72 -0.44 4.58
CA GLN A 33 2.84 1.05 4.74
C GLN A 33 1.57 1.71 4.21
N LEU A 34 1.18 1.34 3.01
CA LEU A 34 -0.05 1.91 2.39
C LEU A 34 -1.29 1.51 3.21
N SER A 35 -1.24 0.35 3.82
CA SER A 35 -2.39 -0.15 4.64
C SER A 35 -2.68 0.85 5.76
N GLN A 36 -1.63 1.37 6.36
CA GLN A 36 -1.81 2.36 7.48
C GLN A 36 -2.70 3.52 7.00
N LYS A 37 -2.39 4.04 5.83
CA LYS A 37 -3.20 5.17 5.26
C LYS A 37 -3.31 6.30 6.27
N LEU A 38 -2.43 7.28 6.16
CA LEU A 38 -2.44 8.44 7.10
C LEU A 38 -2.10 9.72 6.33
N TYR A 39 -1.12 9.62 5.46
CA TYR A 39 -0.70 10.81 4.64
C TYR A 39 -1.85 11.21 3.71
N SER A 40 -2.12 12.49 3.67
CA SER A 40 -3.21 13.01 2.79
C SER A 40 -2.93 14.47 2.45
N SER A 41 -3.57 14.97 1.41
CA SER A 41 -3.37 16.40 1.00
C SER A 41 -4.68 17.16 1.12
N LYS A 42 -4.78 18.01 2.12
CA LYS A 42 -6.02 18.81 2.33
C LYS A 42 -6.18 19.85 1.21
N ASP A 43 -5.05 20.33 0.70
CA ASP A 43 -5.08 21.35 -0.39
C ASP A 43 -5.78 22.60 0.11
N THR A 44 -5.58 23.70 -0.59
CA THR A 44 -6.20 25.01 -0.21
C THR A 44 -5.89 25.34 1.25
N THR A 45 -6.33 26.50 1.69
CA THR A 45 -6.09 26.93 3.10
C THR A 45 -7.12 26.28 4.01
N LYS A 46 -6.87 26.34 5.30
CA LYS A 46 -7.82 25.73 6.29
C LYS A 46 -8.39 26.84 7.17
N ARG A 47 -9.70 27.01 7.12
CA ARG A 47 -10.38 28.06 7.94
C ARG A 47 -11.47 27.39 8.81
N PRO A 48 -11.61 27.72 10.12
CA PRO A 48 -12.66 27.08 10.95
C PRO A 48 -14.07 27.38 10.45
N VAL A 49 -14.97 26.43 10.61
CA VAL A 49 -16.38 26.64 10.15
C VAL A 49 -17.14 27.41 11.22
N THR A 50 -17.78 28.49 10.82
CA THR A 50 -18.56 29.34 11.78
C THR A 50 -19.89 29.73 11.14
N THR A 51 -20.86 30.03 11.98
CA THR A 51 -22.21 30.43 11.47
C THR A 51 -22.40 31.93 11.70
N THR A 52 -22.57 32.67 10.63
CA THR A 52 -22.77 34.14 10.74
C THR A 52 -23.80 34.59 9.71
N LYS A 53 -24.51 35.67 10.02
CA LYS A 53 -25.54 36.20 9.09
C LYS A 53 -24.90 37.28 8.22
N ARG A 54 -24.22 38.21 8.85
CA ARG A 54 -23.54 39.35 8.12
C ARG A 54 -24.59 40.32 7.57
N GLU A 55 -25.38 39.86 6.61
CA GLU A 55 -26.44 40.75 6.01
C GLU A 55 -25.77 41.98 5.41
N VAL A 56 -25.57 41.94 4.11
CA VAL A 56 -24.91 43.09 3.40
C VAL A 56 -25.86 43.59 2.30
N ASN A 57 -25.90 44.89 2.12
CA ASN A 57 -26.79 45.49 1.07
C ASN A 57 -28.24 45.12 1.38
N SER A 58 -29.15 45.61 0.56
CA SER A 58 -30.62 45.33 0.74
C SER A 58 -31.11 45.95 2.06
N ALA A 59 -30.80 45.35 3.18
CA ALA A 59 -31.25 45.90 4.49
C ALA A 59 -30.48 47.18 4.79
N ILE A 60 -29.19 47.14 4.62
CA ILE A 60 -28.32 48.34 4.86
C ILE A 60 -28.50 48.78 6.33
N GLU A 1 31.70 -39.15 -4.01
CA GLU A 1 31.29 -38.08 -4.95
C GLU A 1 29.82 -37.68 -4.67
N PRO A 2 29.44 -36.39 -4.68
CA PRO A 2 28.02 -36.00 -4.41
C PRO A 2 27.04 -36.74 -5.33
N ARG A 3 26.02 -37.32 -4.75
CA ARG A 3 24.99 -38.06 -5.56
C ARG A 3 23.61 -37.87 -4.92
N THR A 4 22.59 -37.99 -5.74
CA THR A 4 21.17 -37.85 -5.26
C THR A 4 20.84 -36.37 -5.01
N HIS A 5 21.60 -35.76 -4.12
CA HIS A 5 21.37 -34.31 -3.78
C HIS A 5 22.58 -33.47 -4.26
N PRO A 6 22.70 -33.17 -5.57
CA PRO A 6 23.85 -32.36 -6.06
C PRO A 6 23.96 -31.01 -5.34
N THR A 7 25.16 -30.68 -4.93
CA THR A 7 25.40 -29.39 -4.20
C THR A 7 25.27 -28.21 -5.18
N TRP A 8 25.62 -28.44 -6.43
CA TRP A 8 25.52 -27.35 -7.46
C TRP A 8 24.05 -26.98 -7.65
N LEU A 9 23.22 -27.98 -7.75
CA LEU A 9 21.75 -27.74 -7.94
C LEU A 9 21.21 -26.95 -6.75
N LEU A 10 21.70 -27.27 -5.56
CA LEU A 10 21.25 -26.55 -4.32
C LEU A 10 21.82 -25.14 -4.31
N HIS A 11 23.05 -25.00 -4.75
CA HIS A 11 23.71 -23.65 -4.77
C HIS A 11 23.00 -22.71 -5.75
N ILE A 12 22.33 -23.25 -6.74
CA ILE A 12 21.61 -22.39 -7.74
C ILE A 12 20.16 -22.15 -7.29
N PHE A 13 19.58 -23.10 -6.59
CA PHE A 13 18.17 -22.95 -6.10
C PHE A 13 18.09 -21.86 -5.04
N ILE A 14 19.03 -21.84 -4.13
CA ILE A 14 19.03 -20.81 -3.04
C ILE A 14 18.90 -19.39 -3.66
N PRO A 15 19.79 -18.93 -4.55
CA PRO A 15 19.64 -17.57 -5.16
C PRO A 15 18.24 -17.35 -5.74
N PHE A 16 17.69 -18.41 -6.31
CA PHE A 16 16.33 -18.32 -6.91
C PHE A 16 15.34 -17.88 -5.83
N SER A 17 15.44 -18.49 -4.68
CA SER A 17 14.52 -18.15 -3.55
C SER A 17 14.75 -16.70 -3.11
N ILE A 18 15.98 -16.23 -3.21
CA ILE A 18 16.30 -14.83 -2.81
C ILE A 18 15.49 -13.86 -3.68
N ILE A 19 15.50 -14.09 -4.97
CA ILE A 19 14.74 -13.20 -5.91
C ILE A 19 13.28 -13.13 -5.47
N ALA A 20 12.69 -14.29 -5.25
CA ALA A 20 11.26 -14.35 -4.80
C ALA A 20 11.11 -13.66 -3.45
N PHE A 21 12.14 -13.73 -2.62
CA PHE A 21 12.10 -13.09 -1.28
C PHE A 21 11.92 -11.58 -1.43
N ILE A 22 12.64 -11.01 -2.37
CA ILE A 22 12.55 -9.53 -2.60
C ILE A 22 11.12 -9.16 -2.97
N PHE A 23 10.54 -9.87 -3.91
CA PHE A 23 9.14 -9.57 -4.35
C PHE A 23 8.20 -9.65 -3.17
N ILE A 24 8.29 -10.72 -2.40
CA ILE A 24 7.40 -10.91 -1.21
C ILE A 24 7.72 -9.84 -0.16
N ALA A 25 8.97 -9.44 -0.08
CA ALA A 25 9.39 -8.42 0.93
C ALA A 25 8.85 -7.03 0.56
N THR A 26 8.90 -6.69 -0.71
CA THR A 26 8.42 -5.34 -1.15
C THR A 26 6.90 -5.24 -1.11
N VAL A 27 6.21 -6.31 -1.47
CA VAL A 27 4.72 -6.28 -1.48
C VAL A 27 4.18 -6.14 -0.06
N ILE A 28 4.76 -6.87 0.88
CA ILE A 28 4.29 -6.79 2.31
C ILE A 28 4.61 -5.40 2.88
N ALA A 29 5.81 -4.93 2.62
CA ALA A 29 6.23 -3.59 3.13
C ALA A 29 5.37 -2.49 2.50
N LEU A 30 5.26 -2.52 1.20
CA LEU A 30 4.45 -1.50 0.47
C LEU A 30 3.00 -1.57 0.92
N ARG A 31 2.45 -2.77 0.94
CA ARG A 31 1.03 -2.96 1.36
C ARG A 31 0.84 -2.48 2.79
N LYS A 32 1.74 -2.86 3.66
CA LYS A 32 1.65 -2.45 5.10
C LYS A 32 1.66 -0.93 5.21
N GLN A 33 2.55 -0.30 4.48
CA GLN A 33 2.65 1.19 4.52
C GLN A 33 1.42 1.82 3.87
N LEU A 34 0.95 1.22 2.80
CA LEU A 34 -0.25 1.75 2.08
C LEU A 34 -1.48 1.65 2.98
N SER A 35 -1.59 0.58 3.72
CA SER A 35 -2.76 0.38 4.63
C SER A 35 -2.61 1.25 5.89
N GLN A 36 -1.38 1.48 6.31
CA GLN A 36 -1.14 2.30 7.53
C GLN A 36 -1.64 3.73 7.32
N LYS A 37 -1.33 4.29 6.17
CA LYS A 37 -1.77 5.70 5.85
C LYS A 37 -2.74 5.67 4.67
N LEU A 38 -3.15 6.84 4.23
CA LEU A 38 -4.10 6.95 3.07
C LEU A 38 -5.37 6.14 3.40
N TYR A 39 -5.99 6.47 4.50
CA TYR A 39 -7.23 5.78 4.92
C TYR A 39 -8.44 6.62 4.54
N SER A 40 -8.36 7.90 4.83
CA SER A 40 -9.48 8.85 4.50
C SER A 40 -9.00 9.84 3.45
N SER A 41 -9.88 10.18 2.53
CA SER A 41 -9.52 11.16 1.46
C SER A 41 -10.49 12.34 1.53
N LYS A 42 -9.93 13.53 1.67
CA LYS A 42 -10.78 14.77 1.76
C LYS A 42 -11.57 14.91 0.46
N ASP A 43 -10.93 14.68 -0.65
CA ASP A 43 -11.62 14.80 -1.99
C ASP A 43 -12.17 16.22 -2.14
N THR A 44 -12.68 16.53 -3.31
CA THR A 44 -13.25 17.88 -3.57
C THR A 44 -14.75 17.85 -3.29
N THR A 45 -15.14 18.30 -2.12
CA THR A 45 -16.59 18.32 -1.75
C THR A 45 -17.16 19.71 -2.03
N LYS A 46 -18.38 19.76 -2.51
CA LYS A 46 -19.03 21.06 -2.82
C LYS A 46 -19.91 21.48 -1.65
N ARG A 47 -19.64 22.65 -1.11
CA ARG A 47 -20.43 23.17 0.05
C ARG A 47 -21.88 23.43 -0.41
N PRO A 48 -22.88 23.45 0.50
CA PRO A 48 -24.29 23.70 0.08
C PRO A 48 -24.46 25.07 -0.57
N VAL A 49 -25.42 25.17 -1.47
CA VAL A 49 -25.68 26.46 -2.19
C VAL A 49 -26.24 27.47 -1.18
N THR A 50 -25.85 28.72 -1.33
CA THR A 50 -26.33 29.79 -0.41
C THR A 50 -26.93 30.93 -1.23
N THR A 51 -27.84 31.66 -0.62
CA THR A 51 -28.50 32.81 -1.32
C THR A 51 -28.58 34.01 -0.37
N THR A 52 -27.54 34.20 0.42
CA THR A 52 -27.51 35.34 1.39
C THR A 52 -26.34 36.26 1.04
N LYS A 53 -26.27 36.67 -0.20
CA LYS A 53 -25.18 37.58 -0.67
C LYS A 53 -25.78 38.72 -1.48
N ARG A 54 -26.69 38.38 -2.38
CA ARG A 54 -27.35 39.41 -3.23
C ARG A 54 -28.75 38.92 -3.65
N GLU A 55 -29.41 38.20 -2.77
CA GLU A 55 -30.77 37.67 -3.06
C GLU A 55 -31.62 37.71 -1.80
N VAL A 56 -32.39 38.77 -1.65
CA VAL A 56 -33.27 38.91 -0.44
C VAL A 56 -34.72 39.10 -0.90
N ASN A 57 -34.91 39.86 -1.96
CA ASN A 57 -36.29 40.12 -2.49
C ASN A 57 -36.22 40.23 -4.01
N SER A 58 -36.88 39.31 -4.69
CA SER A 58 -36.90 39.32 -6.18
C SER A 58 -38.29 38.92 -6.69
N ALA A 59 -39.32 39.24 -5.94
CA ALA A 59 -40.71 38.90 -6.35
C ALA A 59 -41.70 39.79 -5.60
N ILE A 60 -42.51 40.51 -6.33
CA ILE A 60 -43.52 41.41 -5.69
C ILE A 60 -44.81 41.39 -6.50
N GLU A 1 29.49 -45.04 -5.87
CA GLU A 1 28.66 -44.52 -4.74
C GLU A 1 27.50 -43.66 -5.30
N PRO A 2 26.41 -43.45 -4.55
CA PRO A 2 25.28 -42.62 -5.07
C PRO A 2 25.71 -41.19 -5.37
N ARG A 3 25.13 -40.61 -6.41
CA ARG A 3 25.49 -39.20 -6.80
C ARG A 3 24.25 -38.52 -7.35
N THR A 4 23.85 -37.44 -6.72
CA THR A 4 22.64 -36.68 -7.16
C THR A 4 22.62 -35.32 -6.46
N HIS A 5 23.75 -34.67 -6.43
CA HIS A 5 23.85 -33.32 -5.77
C HIS A 5 24.52 -32.33 -6.76
N PRO A 6 23.91 -32.05 -7.92
CA PRO A 6 24.52 -31.09 -8.90
C PRO A 6 24.84 -29.74 -8.27
N THR A 7 26.00 -29.21 -8.60
CA THR A 7 26.42 -27.88 -8.05
C THR A 7 25.45 -26.80 -8.53
N TRP A 8 25.05 -26.89 -9.78
CA TRP A 8 24.10 -25.89 -10.36
C TRP A 8 22.81 -25.87 -9.53
N LEU A 9 22.39 -27.04 -9.06
CA LEU A 9 21.15 -27.11 -8.23
C LEU A 9 21.30 -26.21 -7.02
N LEU A 10 22.43 -26.31 -6.35
CA LEU A 10 22.69 -25.45 -5.15
C LEU A 10 22.84 -24.00 -5.58
N HIS A 11 23.52 -23.78 -6.69
CA HIS A 11 23.74 -22.39 -7.20
C HIS A 11 22.41 -21.74 -7.64
N ILE A 12 21.38 -22.53 -7.84
CA ILE A 12 20.06 -21.97 -8.27
C ILE A 12 19.10 -21.89 -7.07
N PHE A 13 19.15 -22.90 -6.22
CA PHE A 13 18.24 -22.93 -5.03
C PHE A 13 18.57 -21.78 -4.08
N ILE A 14 19.85 -21.49 -3.91
CA ILE A 14 20.26 -20.38 -3.00
C ILE A 14 19.68 -19.04 -3.49
N PRO A 15 19.97 -18.56 -4.72
CA PRO A 15 19.39 -17.26 -5.19
C PRO A 15 17.87 -17.25 -5.16
N PHE A 16 17.26 -18.23 -5.80
CA PHE A 16 15.76 -18.34 -5.85
C PHE A 16 15.18 -18.23 -4.43
N SER A 17 15.92 -18.70 -3.44
CA SER A 17 15.42 -18.65 -2.04
C SER A 17 15.38 -17.20 -1.54
N ILE A 18 16.53 -16.55 -1.49
CA ILE A 18 16.60 -15.14 -0.99
C ILE A 18 15.79 -14.20 -1.90
N ILE A 19 15.67 -14.53 -3.17
CA ILE A 19 14.91 -13.67 -4.13
C ILE A 19 13.40 -13.86 -3.89
N ALA A 20 13.00 -15.05 -3.50
CA ALA A 20 11.55 -15.33 -3.26
C ALA A 20 11.07 -14.67 -1.97
N PHE A 21 11.89 -14.70 -0.93
CA PHE A 21 11.49 -14.08 0.37
C PHE A 21 11.47 -12.56 0.26
N ILE A 22 12.45 -12.01 -0.44
CA ILE A 22 12.52 -10.52 -0.59
C ILE A 22 11.38 -10.03 -1.49
N PHE A 23 11.04 -10.81 -2.50
CA PHE A 23 9.95 -10.42 -3.44
C PHE A 23 8.63 -10.35 -2.69
N ILE A 24 8.35 -11.37 -1.91
CA ILE A 24 7.06 -11.41 -1.13
C ILE A 24 7.08 -10.34 -0.02
N ALA A 25 8.26 -10.06 0.52
CA ALA A 25 8.39 -9.05 1.61
C ALA A 25 8.20 -7.65 1.04
N THR A 26 8.79 -7.39 -0.10
CA THR A 26 8.69 -6.04 -0.74
C THR A 26 7.24 -5.73 -1.11
N VAL A 27 6.58 -6.66 -1.76
CA VAL A 27 5.17 -6.44 -2.19
C VAL A 27 4.25 -6.24 -0.97
N ILE A 28 4.40 -7.09 0.03
CA ILE A 28 3.54 -6.96 1.26
C ILE A 28 3.87 -5.64 1.95
N ALA A 29 5.15 -5.32 2.04
CA ALA A 29 5.57 -4.05 2.71
C ALA A 29 5.06 -2.85 1.94
N LEU A 30 5.05 -2.94 0.62
CA LEU A 30 4.57 -1.80 -0.23
C LEU A 30 3.09 -1.54 0.04
N ARG A 31 2.29 -2.58 0.00
CA ARG A 31 0.82 -2.43 0.25
C ARG A 31 0.60 -2.03 1.72
N LYS A 32 1.35 -2.64 2.60
CA LYS A 32 1.22 -2.34 4.07
C LYS A 32 1.54 -0.87 4.32
N GLN A 33 2.57 -0.38 3.67
CA GLN A 33 2.99 1.05 3.84
C GLN A 33 1.87 1.96 3.34
N LEU A 34 1.33 1.65 2.18
CA LEU A 34 0.25 2.48 1.58
C LEU A 34 -0.97 2.45 2.52
N SER A 35 -1.30 1.28 3.00
CA SER A 35 -2.47 1.13 3.92
C SER A 35 -2.19 1.83 5.25
N GLN A 36 -0.94 1.79 5.69
CA GLN A 36 -0.56 2.42 6.99
C GLN A 36 -0.96 3.90 6.97
N LYS A 37 -0.75 4.55 5.84
CA LYS A 37 -1.10 5.99 5.70
C LYS A 37 -2.51 6.11 5.13
N LEU A 38 -3.31 6.97 5.71
CA LEU A 38 -4.72 7.16 5.23
C LEU A 38 -4.83 8.47 4.46
N TYR A 39 -4.04 9.46 4.83
CA TYR A 39 -4.08 10.78 4.13
C TYR A 39 -5.51 11.32 4.11
N SER A 40 -6.22 11.14 5.21
CA SER A 40 -7.63 11.63 5.32
C SER A 40 -7.78 12.40 6.62
N SER A 41 -8.65 13.39 6.61
CA SER A 41 -8.88 14.23 7.83
C SER A 41 -10.33 14.73 7.83
N LYS A 42 -10.74 15.29 8.94
CA LYS A 42 -12.14 15.81 9.07
C LYS A 42 -12.35 16.95 8.08
N ASP A 43 -11.37 17.82 7.97
CA ASP A 43 -11.46 18.98 7.03
C ASP A 43 -10.53 18.76 5.84
N THR A 44 -11.11 18.41 4.71
CA THR A 44 -10.30 18.16 3.48
C THR A 44 -11.23 17.81 2.32
N THR A 45 -12.24 17.02 2.60
CA THR A 45 -13.21 16.61 1.53
C THR A 45 -14.63 17.02 1.94
N LYS A 46 -14.75 18.18 2.57
CA LYS A 46 -16.10 18.67 3.02
C LYS A 46 -16.44 19.93 2.22
N ARG A 47 -17.69 20.05 1.85
CA ARG A 47 -18.14 21.25 1.07
C ARG A 47 -18.56 22.36 2.05
N PRO A 48 -18.48 23.66 1.66
CA PRO A 48 -18.88 24.76 2.59
C PRO A 48 -20.34 24.65 3.01
N VAL A 49 -20.62 25.09 4.23
CA VAL A 49 -22.03 25.04 4.76
C VAL A 49 -22.58 26.45 4.80
N THR A 50 -23.85 26.59 4.50
CA THR A 50 -24.52 27.94 4.51
C THR A 50 -23.78 28.84 3.53
N THR A 51 -24.33 28.97 2.34
CA THR A 51 -23.70 29.84 1.29
C THR A 51 -24.41 31.18 1.25
N THR A 52 -23.64 32.25 1.24
CA THR A 52 -24.21 33.64 1.21
C THR A 52 -25.35 33.77 2.23
N LYS A 53 -24.98 34.13 3.44
CA LYS A 53 -25.99 34.31 4.54
C LYS A 53 -26.25 35.79 4.77
N ARG A 54 -27.15 36.10 5.68
CA ARG A 54 -27.48 37.52 5.99
C ARG A 54 -27.94 38.23 4.73
N GLU A 55 -28.33 39.48 4.87
CA GLU A 55 -28.81 40.29 3.70
C GLU A 55 -30.06 39.64 3.11
N VAL A 56 -30.90 40.45 2.50
CA VAL A 56 -32.15 39.94 1.88
C VAL A 56 -32.40 40.69 0.57
N ASN A 57 -32.93 40.00 -0.41
CA ASN A 57 -33.21 40.63 -1.73
C ASN A 57 -34.21 41.77 -1.54
N SER A 58 -35.29 41.49 -0.84
CA SER A 58 -36.33 42.53 -0.58
C SER A 58 -36.67 42.55 0.90
N ALA A 59 -37.17 43.67 1.37
CA ALA A 59 -37.53 43.82 2.82
C ALA A 59 -38.62 44.88 2.95
N ILE A 60 -38.40 46.02 2.33
CA ILE A 60 -39.39 47.14 2.38
C ILE A 60 -39.63 47.52 3.85
N GLU A 1 26.47 -41.59 -12.22
CA GLU A 1 26.96 -41.33 -10.85
C GLU A 1 26.01 -40.33 -10.13
N PRO A 2 24.88 -40.79 -9.58
CA PRO A 2 23.93 -39.87 -8.89
C PRO A 2 24.58 -39.16 -7.70
N ARG A 3 24.17 -37.93 -7.46
CA ARG A 3 24.75 -37.14 -6.33
C ARG A 3 23.66 -36.93 -5.27
N THR A 4 24.01 -37.19 -4.03
CA THR A 4 23.02 -37.03 -2.91
C THR A 4 22.68 -35.55 -2.73
N HIS A 5 23.68 -34.70 -2.85
CA HIS A 5 23.46 -33.22 -2.69
C HIS A 5 24.21 -32.48 -3.83
N PRO A 6 23.70 -32.51 -5.08
CA PRO A 6 24.40 -31.81 -6.20
C PRO A 6 24.61 -30.33 -5.90
N THR A 7 25.76 -29.81 -6.29
CA THR A 7 26.08 -28.36 -6.04
C THR A 7 25.18 -27.49 -6.89
N TRP A 8 24.95 -27.88 -8.12
CA TRP A 8 24.09 -27.07 -9.04
C TRP A 8 22.68 -26.95 -8.45
N LEU A 9 22.21 -28.01 -7.82
CA LEU A 9 20.83 -27.98 -7.22
C LEU A 9 20.72 -26.87 -6.19
N LEU A 10 21.62 -26.88 -5.21
CA LEU A 10 21.57 -25.83 -4.13
C LEU A 10 22.08 -24.49 -4.65
N HIS A 11 22.92 -24.51 -5.67
CA HIS A 11 23.47 -23.23 -6.25
C HIS A 11 22.41 -22.53 -7.10
N ILE A 12 21.32 -23.22 -7.44
CA ILE A 12 20.25 -22.60 -8.28
C ILE A 12 19.07 -22.22 -7.38
N PHE A 13 18.71 -23.11 -6.46
CA PHE A 13 17.55 -22.83 -5.55
C PHE A 13 17.88 -21.71 -4.57
N ILE A 14 19.09 -21.72 -4.04
CA ILE A 14 19.49 -20.66 -3.06
C ILE A 14 19.29 -19.25 -3.70
N PRO A 15 19.91 -18.92 -4.85
CA PRO A 15 19.70 -17.56 -5.46
C PRO A 15 18.22 -17.32 -5.80
N PHE A 16 17.51 -18.37 -6.13
CA PHE A 16 16.06 -18.24 -6.48
C PHE A 16 15.27 -17.81 -5.23
N SER A 17 15.60 -18.41 -4.11
CA SER A 17 14.87 -18.09 -2.84
C SER A 17 15.18 -16.66 -2.39
N ILE A 18 16.46 -16.36 -2.21
CA ILE A 18 16.87 -14.99 -1.75
C ILE A 18 16.21 -13.91 -2.62
N ILE A 19 16.21 -14.11 -3.91
CA ILE A 19 15.59 -13.12 -4.85
C ILE A 19 14.09 -13.03 -4.54
N ALA A 20 13.46 -14.16 -4.35
CA ALA A 20 11.99 -14.19 -4.06
C ALA A 20 11.71 -13.52 -2.71
N PHE A 21 12.62 -13.67 -1.77
CA PHE A 21 12.43 -13.06 -0.42
C PHE A 21 12.31 -11.54 -0.56
N ILE A 22 13.20 -10.96 -1.33
CA ILE A 22 13.18 -9.47 -1.54
C ILE A 22 11.87 -9.08 -2.24
N PHE A 23 11.50 -9.83 -3.25
CA PHE A 23 10.24 -9.54 -4.01
C PHE A 23 9.05 -9.59 -3.06
N ILE A 24 8.99 -10.61 -2.24
CA ILE A 24 7.85 -10.77 -1.28
C ILE A 24 7.92 -9.64 -0.25
N ALA A 25 9.10 -9.34 0.23
CA ALA A 25 9.29 -8.27 1.25
C ALA A 25 8.89 -6.91 0.67
N THR A 26 9.11 -6.72 -0.62
CA THR A 26 8.77 -5.42 -1.27
C THR A 26 7.26 -5.27 -1.42
N VAL A 27 6.62 -6.31 -1.94
CA VAL A 27 5.14 -6.25 -2.15
C VAL A 27 4.39 -6.16 -0.82
N ILE A 28 4.82 -6.91 0.17
CA ILE A 28 4.14 -6.87 1.51
C ILE A 28 4.38 -5.51 2.17
N ALA A 29 5.57 -4.96 1.99
CA ALA A 29 5.90 -3.64 2.60
C ALA A 29 5.09 -2.53 1.91
N LEU A 30 4.95 -2.63 0.61
CA LEU A 30 4.19 -1.60 -0.16
C LEU A 30 2.75 -1.57 0.36
N ARG A 31 2.16 -2.73 0.47
CA ARG A 31 0.75 -2.83 0.96
C ARG A 31 0.67 -2.50 2.45
N LYS A 32 1.71 -2.85 3.19
CA LYS A 32 1.72 -2.58 4.66
C LYS A 32 1.61 -1.08 4.91
N GLN A 33 2.43 -0.31 4.22
CA GLN A 33 2.41 1.18 4.40
C GLN A 33 1.14 1.76 3.77
N LEU A 34 0.74 1.24 2.64
CA LEU A 34 -0.48 1.75 1.94
C LEU A 34 -1.70 1.52 2.81
N SER A 35 -1.77 0.39 3.45
CA SER A 35 -2.93 0.06 4.33
C SER A 35 -2.83 0.80 5.66
N GLN A 36 -1.64 0.91 6.18
CA GLN A 36 -1.43 1.61 7.49
C GLN A 36 -1.68 3.12 7.35
N LYS A 37 -1.36 3.67 6.19
CA LYS A 37 -1.56 5.14 5.96
C LYS A 37 -2.53 5.33 4.80
N LEU A 38 -2.70 6.57 4.36
CA LEU A 38 -3.63 6.89 3.23
C LEU A 38 -5.06 6.58 3.65
N TYR A 39 -5.77 7.58 4.10
CA TYR A 39 -7.18 7.42 4.55
C TYR A 39 -7.97 8.67 4.18
N SER A 40 -7.54 9.80 4.72
CA SER A 40 -8.23 11.09 4.43
C SER A 40 -7.97 11.51 2.98
N SER A 41 -6.77 11.26 2.51
CA SER A 41 -6.40 11.63 1.10
C SER A 41 -6.62 13.13 0.88
N LYS A 42 -6.46 13.92 1.93
CA LYS A 42 -6.65 15.40 1.83
C LYS A 42 -5.49 16.10 2.53
N ASP A 43 -4.77 16.90 1.79
CA ASP A 43 -3.60 17.64 2.37
C ASP A 43 -3.94 19.14 2.48
N THR A 44 -5.20 19.44 2.73
CA THR A 44 -5.63 20.85 2.86
C THR A 44 -6.82 20.93 3.82
N THR A 45 -6.89 22.01 4.58
CA THR A 45 -8.01 22.18 5.56
C THR A 45 -9.31 22.40 4.80
N LYS A 46 -10.32 21.63 5.15
CA LYS A 46 -11.64 21.76 4.47
C LYS A 46 -12.56 22.62 5.34
N ARG A 47 -12.88 23.80 4.84
CA ARG A 47 -13.77 24.73 5.60
C ARG A 47 -15.12 24.87 4.86
N PRO A 48 -16.28 24.88 5.53
CA PRO A 48 -17.58 25.01 4.81
C PRO A 48 -17.75 26.39 4.17
N VAL A 49 -18.57 26.45 3.14
CA VAL A 49 -18.79 27.75 2.42
C VAL A 49 -20.26 28.14 2.58
N THR A 50 -20.49 29.39 2.94
CA THR A 50 -21.90 29.88 3.13
C THR A 50 -22.16 31.02 2.15
N THR A 51 -23.17 30.87 1.33
CA THR A 51 -23.53 31.93 0.34
C THR A 51 -23.93 33.21 1.07
N THR A 52 -24.83 33.07 2.01
CA THR A 52 -25.31 34.26 2.80
C THR A 52 -25.76 35.37 1.85
N LYS A 53 -27.04 35.37 1.54
CA LYS A 53 -27.60 36.41 0.62
C LYS A 53 -28.85 37.02 1.24
N ARG A 54 -28.88 38.33 1.33
CA ARG A 54 -30.07 39.03 1.92
C ARG A 54 -30.72 39.95 0.87
N GLU A 55 -30.44 39.71 -0.41
CA GLU A 55 -31.03 40.55 -1.49
C GLU A 55 -31.06 39.74 -2.78
N VAL A 56 -32.22 39.19 -3.08
CA VAL A 56 -32.38 38.37 -4.33
C VAL A 56 -33.35 39.08 -5.28
N ASN A 57 -33.19 40.38 -5.41
CA ASN A 57 -34.07 41.19 -6.31
C ASN A 57 -35.53 40.98 -5.90
N SER A 58 -36.00 41.84 -5.02
CA SER A 58 -37.42 41.75 -4.55
C SER A 58 -38.25 42.81 -5.26
N ALA A 59 -37.77 44.03 -5.22
CA ALA A 59 -38.50 45.17 -5.89
C ALA A 59 -37.55 46.35 -6.00
N ILE A 60 -37.86 47.26 -6.91
CA ILE A 60 -37.00 48.47 -7.11
C ILE A 60 -37.89 49.66 -7.49
N GLU A 1 30.54 -45.17 -9.18
CA GLU A 1 30.15 -43.72 -9.13
C GLU A 1 28.79 -43.59 -8.39
N PRO A 2 28.78 -43.64 -7.05
CA PRO A 2 27.50 -43.52 -6.28
C PRO A 2 26.81 -42.18 -6.53
N ARG A 3 25.50 -42.18 -6.55
CA ARG A 3 24.72 -40.93 -6.78
C ARG A 3 24.67 -40.12 -5.48
N THR A 4 24.84 -38.83 -5.58
CA THR A 4 24.81 -37.95 -4.36
C THR A 4 24.03 -36.69 -4.68
N HIS A 5 23.56 -36.02 -3.65
CA HIS A 5 22.77 -34.75 -3.82
C HIS A 5 23.60 -33.75 -4.67
N PRO A 6 23.24 -33.44 -5.92
CA PRO A 6 24.04 -32.46 -6.73
C PRO A 6 24.04 -31.07 -6.11
N THR A 7 25.17 -30.41 -6.17
CA THR A 7 25.29 -29.02 -5.61
C THR A 7 24.64 -27.99 -6.53
N TRP A 8 24.46 -28.35 -7.79
CA TRP A 8 23.84 -27.40 -8.78
C TRP A 8 22.48 -26.97 -8.27
N LEU A 9 21.73 -27.90 -7.72
CA LEU A 9 20.37 -27.59 -7.18
C LEU A 9 20.49 -26.53 -6.09
N LEU A 10 21.46 -26.71 -5.22
CA LEU A 10 21.68 -25.74 -4.09
C LEU A 10 22.11 -24.39 -4.67
N HIS A 11 22.97 -24.43 -5.66
CA HIS A 11 23.47 -23.16 -6.29
C HIS A 11 22.33 -22.42 -7.00
N ILE A 12 21.25 -23.11 -7.30
CA ILE A 12 20.09 -22.46 -8.00
C ILE A 12 19.02 -22.07 -6.97
N PHE A 13 18.84 -22.89 -5.96
CA PHE A 13 17.80 -22.61 -4.91
C PHE A 13 18.23 -21.44 -4.03
N ILE A 14 19.50 -21.39 -3.68
CA ILE A 14 19.99 -20.28 -2.80
C ILE A 14 19.69 -18.90 -3.47
N PRO A 15 20.15 -18.61 -4.70
CA PRO A 15 19.85 -17.28 -5.32
C PRO A 15 18.36 -17.08 -5.57
N PHE A 16 17.70 -18.10 -6.06
CA PHE A 16 16.24 -18.02 -6.36
C PHE A 16 15.47 -17.67 -5.08
N SER A 17 15.82 -18.31 -3.99
CA SER A 17 15.11 -18.05 -2.69
C SER A 17 15.31 -16.60 -2.26
N ILE A 18 16.53 -16.12 -2.36
CA ILE A 18 16.83 -14.71 -1.95
C ILE A 18 16.09 -13.74 -2.87
N ILE A 19 16.16 -13.97 -4.16
CA ILE A 19 15.49 -13.07 -5.14
C ILE A 19 13.97 -13.10 -4.89
N ALA A 20 13.44 -14.27 -4.66
CA ALA A 20 11.97 -14.42 -4.42
C ALA A 20 11.59 -13.78 -3.08
N PHE A 21 12.46 -13.89 -2.10
CA PHE A 21 12.18 -13.30 -0.75
C PHE A 21 12.07 -11.79 -0.84
N ILE A 22 12.97 -11.18 -1.60
CA ILE A 22 12.96 -9.69 -1.75
C ILE A 22 11.69 -9.29 -2.51
N PHE A 23 11.37 -10.03 -3.54
CA PHE A 23 10.15 -9.70 -4.37
C PHE A 23 8.89 -9.82 -3.51
N ILE A 24 8.76 -10.92 -2.81
CA ILE A 24 7.54 -11.14 -1.94
C ILE A 24 7.56 -10.18 -0.74
N ALA A 25 8.75 -9.93 -0.22
CA ALA A 25 8.89 -9.02 0.97
C ALA A 25 8.59 -7.57 0.57
N THR A 26 9.01 -7.20 -0.62
CA THR A 26 8.79 -5.80 -1.10
C THR A 26 7.31 -5.53 -1.35
N VAL A 27 6.63 -6.48 -1.96
CA VAL A 27 5.17 -6.30 -2.27
C VAL A 27 4.36 -6.16 -0.97
N ILE A 28 4.73 -6.90 0.05
CA ILE A 28 3.99 -6.83 1.36
C ILE A 28 4.36 -5.54 2.11
N ALA A 29 5.56 -5.04 1.88
CA ALA A 29 6.01 -3.79 2.56
C ALA A 29 5.25 -2.60 1.99
N LEU A 30 5.15 -2.56 0.68
CA LEU A 30 4.42 -1.44 0.01
C LEU A 30 2.94 -1.49 0.39
N ARG A 31 2.38 -2.68 0.37
CA ARG A 31 0.93 -2.84 0.73
C ARG A 31 0.73 -2.48 2.19
N LYS A 32 1.61 -2.96 3.04
CA LYS A 32 1.51 -2.68 4.51
C LYS A 32 1.65 -1.18 4.74
N GLN A 33 2.59 -0.56 4.06
CA GLN A 33 2.81 0.90 4.22
C GLN A 33 1.54 1.66 3.82
N LEU A 34 0.91 1.23 2.75
CA LEU A 34 -0.33 1.90 2.27
C LEU A 34 -1.46 1.70 3.29
N SER A 35 -1.56 0.50 3.81
CA SER A 35 -2.63 0.19 4.81
C SER A 35 -2.41 1.01 6.09
N GLN A 36 -1.17 1.27 6.43
CA GLN A 36 -0.86 2.06 7.67
C GLN A 36 -1.60 3.39 7.63
N LYS A 37 -1.63 4.01 6.48
CA LYS A 37 -2.33 5.33 6.32
C LYS A 37 -3.80 5.07 6.03
N LEU A 38 -4.64 5.30 7.01
CA LEU A 38 -6.11 5.08 6.83
C LEU A 38 -6.88 6.09 7.71
N TYR A 39 -6.78 7.35 7.35
CA TYR A 39 -7.47 8.42 8.13
C TYR A 39 -7.90 9.54 7.16
N SER A 40 -8.82 9.21 6.30
CA SER A 40 -9.32 10.21 5.30
C SER A 40 -10.73 9.81 4.84
N SER A 41 -11.68 9.90 5.74
CA SER A 41 -13.09 9.53 5.41
C SER A 41 -13.61 10.47 4.33
N LYS A 42 -13.35 11.74 4.48
CA LYS A 42 -13.82 12.75 3.47
C LYS A 42 -12.91 13.98 3.53
N ASP A 43 -12.46 14.42 2.36
CA ASP A 43 -11.56 15.61 2.30
C ASP A 43 -11.87 16.41 1.03
N THR A 44 -13.14 16.70 0.84
CA THR A 44 -13.57 17.48 -0.37
C THR A 44 -13.79 18.94 0.03
N THR A 45 -12.76 19.55 0.57
CA THR A 45 -12.83 20.98 1.01
C THR A 45 -13.93 21.12 2.05
N LYS A 46 -13.54 21.14 3.30
CA LYS A 46 -14.54 21.27 4.42
C LYS A 46 -14.67 22.74 4.81
N ARG A 47 -15.88 23.26 4.74
CA ARG A 47 -16.13 24.68 5.11
C ARG A 47 -17.16 24.73 6.26
N PRO A 48 -17.20 25.79 7.07
CA PRO A 48 -18.19 25.86 8.19
C PRO A 48 -19.63 26.00 7.69
N VAL A 49 -20.58 25.58 8.48
CA VAL A 49 -22.02 25.66 8.09
C VAL A 49 -22.51 27.09 8.33
N THR A 50 -22.96 27.74 7.28
CA THR A 50 -23.47 29.14 7.39
C THR A 50 -24.83 29.24 6.72
N THR A 51 -25.79 29.80 7.42
CA THR A 51 -27.17 29.94 6.85
C THR A 51 -27.53 31.43 6.78
N THR A 52 -27.33 32.02 5.62
CA THR A 52 -27.64 33.47 5.44
C THR A 52 -28.91 33.61 4.61
N LYS A 53 -29.92 34.23 5.20
CA LYS A 53 -31.22 34.43 4.48
C LYS A 53 -31.71 35.86 4.73
N ARG A 54 -31.02 36.81 4.15
CA ARG A 54 -31.39 38.25 4.33
C ARG A 54 -31.42 38.93 2.96
N GLU A 55 -32.38 39.81 2.76
CA GLU A 55 -32.50 40.54 1.47
C GLU A 55 -33.58 41.61 1.58
N VAL A 56 -34.66 41.28 2.26
CA VAL A 56 -35.78 42.26 2.44
C VAL A 56 -36.16 42.33 3.92
N ASN A 57 -36.94 43.31 4.29
CA ASN A 57 -37.37 43.47 5.71
C ASN A 57 -38.32 42.33 6.08
N SER A 58 -38.22 41.89 7.31
CA SER A 58 -39.08 40.76 7.82
C SER A 58 -38.66 39.45 7.14
N ALA A 59 -38.99 39.30 5.87
CA ALA A 59 -38.61 38.06 5.12
C ALA A 59 -39.01 38.20 3.66
N ILE A 60 -40.17 38.76 3.42
CA ILE A 60 -40.67 38.96 2.02
C ILE A 60 -41.05 40.43 1.83
N GLU A 1 33.55 -39.98 -0.85
CA GLU A 1 34.03 -38.98 -1.85
C GLU A 1 33.99 -37.57 -1.23
N PRO A 2 34.80 -36.61 -1.73
CA PRO A 2 34.80 -35.23 -1.15
C PRO A 2 33.46 -34.53 -1.31
N ARG A 3 32.74 -34.85 -2.36
CA ARG A 3 31.41 -34.22 -2.62
C ARG A 3 30.31 -35.05 -1.98
N THR A 4 29.38 -34.39 -1.32
CA THR A 4 28.26 -35.10 -0.64
C THR A 4 26.98 -34.89 -1.45
N HIS A 5 26.75 -33.66 -1.85
CA HIS A 5 25.52 -33.32 -2.65
C HIS A 5 25.92 -32.34 -3.78
N PRO A 6 25.20 -32.31 -4.91
CA PRO A 6 25.55 -31.37 -6.01
C PRO A 6 25.57 -29.91 -5.56
N THR A 7 26.63 -29.20 -5.88
CA THR A 7 26.74 -27.76 -5.48
C THR A 7 25.87 -26.91 -6.41
N TRP A 8 25.74 -27.33 -7.65
CA TRP A 8 24.90 -26.56 -8.64
C TRP A 8 23.47 -26.43 -8.10
N LEU A 9 22.98 -27.48 -7.47
CA LEU A 9 21.59 -27.46 -6.91
C LEU A 9 21.48 -26.28 -5.94
N LEU A 10 22.46 -26.15 -5.08
CA LEU A 10 22.48 -25.04 -4.08
C LEU A 10 22.68 -23.71 -4.81
N HIS A 11 23.54 -23.71 -5.81
CA HIS A 11 23.84 -22.46 -6.58
C HIS A 11 22.66 -22.06 -7.47
N ILE A 12 21.59 -22.83 -7.48
CA ILE A 12 20.41 -22.50 -8.33
C ILE A 12 19.21 -22.20 -7.43
N PHE A 13 18.96 -23.09 -6.48
CA PHE A 13 17.80 -22.90 -5.55
C PHE A 13 17.99 -21.65 -4.71
N ILE A 14 19.20 -21.43 -4.22
CA ILE A 14 19.46 -20.23 -3.37
C ILE A 14 19.17 -18.93 -4.18
N PRO A 15 19.80 -18.67 -5.34
CA PRO A 15 19.49 -17.42 -6.11
C PRO A 15 17.98 -17.21 -6.29
N PHE A 16 17.29 -18.25 -6.71
CA PHE A 16 15.82 -18.16 -6.93
C PHE A 16 15.10 -17.94 -5.59
N SER A 17 15.61 -18.54 -4.54
CA SER A 17 14.98 -18.41 -3.19
C SER A 17 15.11 -16.97 -2.67
N ILE A 18 16.33 -16.51 -2.55
CA ILE A 18 16.60 -15.14 -2.01
C ILE A 18 15.79 -14.08 -2.78
N ILE A 19 15.75 -14.19 -4.09
CA ILE A 19 15.01 -13.17 -4.90
C ILE A 19 13.49 -13.32 -4.72
N ALA A 20 13.03 -14.52 -4.39
CA ALA A 20 11.57 -14.75 -4.20
C ALA A 20 11.12 -14.23 -2.83
N PHE A 21 11.94 -14.43 -1.82
CA PHE A 21 11.59 -13.98 -0.43
C PHE A 21 11.61 -12.45 -0.37
N ILE A 22 12.56 -11.83 -1.04
CA ILE A 22 12.67 -10.35 -1.03
C ILE A 22 11.52 -9.74 -1.85
N PHE A 23 11.14 -10.41 -2.93
CA PHE A 23 10.03 -9.91 -3.80
C PHE A 23 8.71 -9.99 -3.05
N ILE A 24 8.45 -11.13 -2.45
CA ILE A 24 7.17 -11.32 -1.68
C ILE A 24 7.16 -10.42 -0.43
N ALA A 25 8.31 -10.29 0.20
CA ALA A 25 8.41 -9.45 1.43
C ALA A 25 8.15 -7.98 1.12
N THR A 26 8.65 -7.52 -0.01
CA THR A 26 8.48 -6.09 -0.40
C THR A 26 7.01 -5.78 -0.71
N VAL A 27 6.35 -6.65 -1.45
CA VAL A 27 4.91 -6.41 -1.82
C VAL A 27 4.04 -6.36 -0.57
N ILE A 28 4.36 -7.14 0.44
CA ILE A 28 3.55 -7.14 1.70
C ILE A 28 3.91 -5.92 2.56
N ALA A 29 5.14 -5.44 2.42
CA ALA A 29 5.59 -4.26 3.20
C ALA A 29 4.98 -2.99 2.64
N LEU A 30 5.08 -2.84 1.33
CA LEU A 30 4.52 -1.63 0.64
C LEU A 30 3.00 -1.60 0.79
N ARG A 31 2.38 -2.76 0.69
CA ARG A 31 0.88 -2.84 0.81
C ARG A 31 0.46 -2.39 2.20
N LYS A 32 1.03 -2.98 3.22
CA LYS A 32 0.68 -2.62 4.63
C LYS A 32 1.08 -1.17 4.90
N GLN A 33 2.23 -0.78 4.41
CA GLN A 33 2.72 0.61 4.62
C GLN A 33 1.79 1.61 3.93
N LEU A 34 1.30 1.25 2.76
CA LEU A 34 0.38 2.14 2.00
C LEU A 34 -0.90 2.35 2.81
N SER A 35 -1.41 1.28 3.38
CA SER A 35 -2.66 1.39 4.20
C SER A 35 -2.43 2.34 5.37
N GLN A 36 -1.30 2.19 6.02
CA GLN A 36 -0.96 3.08 7.18
C GLN A 36 -0.53 4.47 6.71
N LYS A 37 -0.37 4.66 5.40
CA LYS A 37 0.06 5.99 4.85
C LYS A 37 -0.92 7.07 5.34
N LEU A 38 -2.20 6.77 5.30
CA LEU A 38 -3.24 7.76 5.76
C LEU A 38 -4.32 7.07 6.61
N TYR A 39 -4.26 5.75 6.73
CA TYR A 39 -5.28 4.99 7.54
C TYR A 39 -6.63 4.99 6.82
N SER A 40 -7.27 6.13 6.75
CA SER A 40 -8.60 6.23 6.07
C SER A 40 -8.56 7.34 5.03
N SER A 41 -9.20 7.12 3.91
CA SER A 41 -9.24 8.14 2.82
C SER A 41 -10.15 9.29 3.22
N LYS A 42 -11.26 8.97 3.84
CA LYS A 42 -12.24 10.02 4.28
C LYS A 42 -12.71 10.80 3.05
N ASP A 43 -13.89 10.47 2.57
CA ASP A 43 -14.45 11.16 1.37
C ASP A 43 -15.41 12.26 1.82
N THR A 44 -15.05 13.50 1.54
CA THR A 44 -15.91 14.65 1.93
C THR A 44 -15.99 15.66 0.77
N THR A 45 -15.94 15.15 -0.45
CA THR A 45 -16.01 16.04 -1.65
C THR A 45 -17.32 16.81 -1.63
N LYS A 46 -18.40 16.12 -1.33
CA LYS A 46 -19.74 16.78 -1.29
C LYS A 46 -20.38 16.54 0.08
N ARG A 47 -20.95 17.57 0.65
CA ARG A 47 -21.61 17.45 1.98
C ARG A 47 -23.14 17.38 1.80
N PRO A 48 -23.91 16.86 2.76
CA PRO A 48 -25.39 16.78 2.61
C PRO A 48 -26.02 18.16 2.42
N VAL A 49 -27.11 18.21 1.68
CA VAL A 49 -27.79 19.53 1.43
C VAL A 49 -29.05 19.60 2.29
N THR A 50 -29.21 20.69 3.00
CA THR A 50 -30.40 20.89 3.88
C THR A 50 -31.59 21.30 3.03
N THR A 51 -32.77 21.21 3.59
CA THR A 51 -34.02 21.59 2.84
C THR A 51 -34.37 23.05 3.15
N THR A 52 -34.50 23.85 2.12
CA THR A 52 -34.85 25.28 2.29
C THR A 52 -36.02 25.63 1.38
N LYS A 53 -37.08 26.13 1.96
CA LYS A 53 -38.30 26.50 1.17
C LYS A 53 -37.95 27.62 0.20
N ARG A 54 -37.24 28.61 0.68
CA ARG A 54 -36.83 29.77 -0.18
C ARG A 54 -38.08 30.39 -0.81
N GLU A 55 -37.89 31.42 -1.61
CA GLU A 55 -39.04 32.11 -2.28
C GLU A 55 -39.85 31.08 -3.06
N VAL A 56 -41.15 31.29 -3.13
CA VAL A 56 -42.04 30.35 -3.87
C VAL A 56 -42.96 31.14 -4.81
N ASN A 57 -43.51 30.46 -5.79
CA ASN A 57 -44.41 31.12 -6.78
C ASN A 57 -45.79 30.46 -6.75
N SER A 58 -46.23 30.08 -5.55
CA SER A 58 -47.56 29.41 -5.41
C SER A 58 -48.66 30.39 -5.83
N ALA A 59 -49.73 29.85 -6.38
CA ALA A 59 -50.87 30.71 -6.83
C ALA A 59 -51.79 30.98 -5.65
N ILE A 60 -52.09 29.93 -4.90
CA ILE A 60 -52.99 30.07 -3.70
C ILE A 60 -52.22 30.79 -2.60
N GLU A 1 33.49 -40.52 -6.97
CA GLU A 1 34.33 -39.90 -5.91
C GLU A 1 33.75 -38.51 -5.52
N PRO A 2 33.52 -37.58 -6.46
CA PRO A 2 32.95 -36.24 -6.10
C PRO A 2 31.44 -36.30 -5.82
N ARG A 3 31.04 -37.23 -4.98
CA ARG A 3 29.59 -37.38 -4.63
C ARG A 3 29.36 -36.89 -3.21
N THR A 4 28.89 -35.67 -3.08
CA THR A 4 28.61 -35.09 -1.73
C THR A 4 27.35 -34.22 -1.81
N HIS A 5 27.45 -33.08 -2.44
CA HIS A 5 26.26 -32.18 -2.59
C HIS A 5 26.22 -31.61 -4.03
N PRO A 6 25.04 -31.39 -4.64
CA PRO A 6 25.00 -30.83 -6.03
C PRO A 6 25.28 -29.34 -6.05
N THR A 7 26.30 -28.93 -6.78
CA THR A 7 26.67 -27.49 -6.86
C THR A 7 25.67 -26.75 -7.73
N TRP A 8 25.33 -27.32 -8.86
CA TRP A 8 24.35 -26.68 -9.78
C TRP A 8 23.02 -26.49 -9.07
N LEU A 9 22.53 -27.54 -8.46
CA LEU A 9 21.24 -27.46 -7.72
C LEU A 9 21.33 -26.42 -6.62
N LEU A 10 22.36 -26.52 -5.81
CA LEU A 10 22.56 -25.54 -4.70
C LEU A 10 22.68 -24.12 -5.25
N HIS A 11 23.26 -24.00 -6.42
CA HIS A 11 23.47 -22.64 -7.05
C HIS A 11 22.15 -22.05 -7.57
N ILE A 12 21.13 -22.86 -7.79
CA ILE A 12 19.84 -22.32 -8.34
C ILE A 12 18.82 -22.08 -7.21
N PHE A 13 18.88 -22.89 -6.17
CA PHE A 13 17.91 -22.75 -5.03
C PHE A 13 18.28 -21.55 -4.17
N ILE A 14 19.56 -21.34 -3.94
CA ILE A 14 19.98 -20.18 -3.08
C ILE A 14 19.47 -18.85 -3.70
N PRO A 15 19.78 -18.51 -4.97
CA PRO A 15 19.27 -17.23 -5.55
C PRO A 15 17.74 -17.19 -5.61
N PHE A 16 17.15 -18.24 -6.10
CA PHE A 16 15.65 -18.30 -6.23
C PHE A 16 15.01 -18.12 -4.84
N SER A 17 15.61 -18.70 -3.83
CA SER A 17 15.05 -18.60 -2.45
C SER A 17 15.17 -17.18 -1.91
N ILE A 18 16.37 -16.67 -1.86
CA ILE A 18 16.61 -15.29 -1.31
C ILE A 18 15.85 -14.25 -2.16
N ILE A 19 16.03 -14.32 -3.46
CA ILE A 19 15.35 -13.33 -4.37
C ILE A 19 13.83 -13.42 -4.18
N ALA A 20 13.32 -14.63 -4.06
CA ALA A 20 11.85 -14.82 -3.88
C ALA A 20 11.40 -14.19 -2.56
N PHE A 21 12.22 -14.29 -1.54
CA PHE A 21 11.88 -13.72 -0.20
C PHE A 21 11.71 -12.20 -0.33
N ILE A 22 12.65 -11.57 -0.99
CA ILE A 22 12.61 -10.08 -1.16
C ILE A 22 11.34 -9.69 -1.94
N PHE A 23 11.03 -10.46 -2.96
CA PHE A 23 9.82 -10.16 -3.80
C PHE A 23 8.56 -10.16 -2.93
N ILE A 24 8.46 -11.11 -2.02
CA ILE A 24 7.24 -11.20 -1.14
C ILE A 24 7.35 -10.20 0.02
N ALA A 25 8.56 -9.92 0.45
CA ALA A 25 8.77 -8.96 1.59
C ALA A 25 8.51 -7.53 1.14
N THR A 26 8.90 -7.20 -0.07
CA THR A 26 8.72 -5.80 -0.59
C THR A 26 7.25 -5.55 -0.94
N VAL A 27 6.62 -6.51 -1.60
CA VAL A 27 5.19 -6.32 -1.99
C VAL A 27 4.29 -6.27 -0.76
N ILE A 28 4.65 -6.96 0.30
CA ILE A 28 3.81 -6.95 1.55
C ILE A 28 4.16 -5.71 2.37
N ALA A 29 5.43 -5.43 2.51
CA ALA A 29 5.88 -4.25 3.31
C ALA A 29 5.39 -2.96 2.64
N LEU A 30 5.62 -2.85 1.36
CA LEU A 30 5.19 -1.63 0.60
C LEU A 30 3.67 -1.48 0.68
N ARG A 31 2.97 -2.54 0.36
CA ARG A 31 1.47 -2.51 0.41
C ARG A 31 1.02 -2.16 1.82
N LYS A 32 1.68 -2.74 2.81
CA LYS A 32 1.32 -2.47 4.23
C LYS A 32 1.45 -0.98 4.52
N GLN A 33 2.51 -0.37 4.02
CA GLN A 33 2.74 1.09 4.24
C GLN A 33 1.58 1.88 3.65
N LEU A 34 1.15 1.48 2.47
CA LEU A 34 0.01 2.18 1.80
C LEU A 34 -1.25 2.03 2.64
N SER A 35 -1.46 0.86 3.19
CA SER A 35 -2.67 0.60 4.03
C SER A 35 -2.65 1.53 5.24
N GLN A 36 -1.48 1.69 5.83
CA GLN A 36 -1.33 2.58 7.03
C GLN A 36 -1.66 4.03 6.66
N LYS A 37 -1.53 4.38 5.39
CA LYS A 37 -1.82 5.77 4.92
C LYS A 37 -0.84 6.74 5.57
N LEU A 38 -0.24 7.60 4.76
CA LEU A 38 0.75 8.59 5.28
C LEU A 38 0.04 9.54 6.25
N TYR A 39 -1.12 10.03 5.85
CA TYR A 39 -1.89 10.97 6.73
C TYR A 39 -3.25 11.31 6.07
N SER A 40 -3.77 10.38 5.29
CA SER A 40 -5.08 10.62 4.61
C SER A 40 -6.20 10.56 5.64
N SER A 41 -6.61 11.72 6.11
CA SER A 41 -7.71 11.79 7.12
C SER A 41 -8.97 12.34 6.46
N LYS A 42 -8.81 13.41 5.72
CA LYS A 42 -9.98 14.03 5.02
C LYS A 42 -10.28 13.23 3.76
N ASP A 43 -11.56 12.97 3.53
CA ASP A 43 -11.98 12.18 2.33
C ASP A 43 -12.73 13.08 1.34
N THR A 44 -12.51 14.37 1.41
CA THR A 44 -13.18 15.35 0.49
C THR A 44 -14.68 15.07 0.44
N THR A 45 -15.43 15.76 1.28
CA THR A 45 -16.92 15.58 1.31
C THR A 45 -17.60 16.93 1.09
N LYS A 46 -18.89 16.89 0.82
CA LYS A 46 -19.66 18.14 0.59
C LYS A 46 -19.86 18.87 1.91
N ARG A 47 -20.09 20.17 1.84
CA ARG A 47 -20.30 20.99 3.07
C ARG A 47 -21.48 20.41 3.88
N PRO A 48 -21.56 20.66 5.19
CA PRO A 48 -22.70 20.11 6.01
C PRO A 48 -24.06 20.55 5.47
N VAL A 49 -25.05 19.70 5.63
CA VAL A 49 -26.43 20.03 5.15
C VAL A 49 -26.98 21.17 6.01
N THR A 50 -27.53 22.17 5.35
CA THR A 50 -28.11 23.34 6.09
C THR A 50 -29.32 23.87 5.32
N THR A 51 -30.34 24.26 6.06
CA THR A 51 -31.58 24.80 5.42
C THR A 51 -32.01 26.06 6.16
N THR A 52 -32.28 27.11 5.41
CA THR A 52 -32.72 28.40 6.03
C THR A 52 -33.49 29.22 5.00
N LYS A 53 -34.70 28.79 4.70
CA LYS A 53 -35.55 29.50 3.71
C LYS A 53 -35.83 30.91 4.22
N ARG A 54 -36.32 30.99 5.44
CA ARG A 54 -36.64 32.31 6.07
C ARG A 54 -37.48 33.19 5.12
N GLU A 55 -38.27 32.55 4.28
CA GLU A 55 -39.14 33.30 3.32
C GLU A 55 -40.56 33.37 3.88
N VAL A 56 -41.03 32.27 4.41
CA VAL A 56 -42.42 32.23 4.98
C VAL A 56 -42.43 32.94 6.33
N ASN A 57 -43.44 33.75 6.56
CA ASN A 57 -43.54 34.49 7.86
C ASN A 57 -45.01 34.82 8.13
N SER A 58 -45.71 35.26 7.11
CA SER A 58 -47.16 35.61 7.26
C SER A 58 -48.01 34.53 6.60
N ALA A 59 -48.54 33.64 7.42
CA ALA A 59 -49.40 32.53 6.88
C ALA A 59 -50.13 31.85 8.04
N ILE A 60 -51.31 31.37 7.78
CA ILE A 60 -52.12 30.68 8.84
C ILE A 60 -51.51 29.32 9.14
N GLU A 1 21.24 -43.58 -12.51
CA GLU A 1 22.46 -43.92 -11.73
C GLU A 1 22.39 -43.27 -10.34
N PRO A 2 23.12 -43.76 -9.34
CA PRO A 2 23.07 -43.15 -7.97
C PRO A 2 23.54 -41.69 -7.96
N ARG A 3 24.35 -41.32 -8.93
CA ARG A 3 24.88 -39.93 -9.00
C ARG A 3 23.83 -39.03 -9.67
N THR A 4 23.15 -38.24 -8.88
CA THR A 4 22.10 -37.33 -9.42
C THR A 4 22.00 -36.07 -8.53
N HIS A 5 23.14 -35.57 -8.12
CA HIS A 5 23.18 -34.36 -7.25
C HIS A 5 23.86 -33.20 -8.03
N PRO A 6 23.14 -32.52 -8.94
CA PRO A 6 23.76 -31.40 -9.72
C PRO A 6 24.10 -30.19 -8.84
N THR A 7 25.27 -29.64 -9.05
CA THR A 7 25.71 -28.44 -8.26
C THR A 7 24.99 -27.20 -8.78
N TRP A 8 24.81 -27.13 -10.09
CA TRP A 8 24.11 -25.96 -10.71
C TRP A 8 22.77 -25.75 -10.03
N LEU A 9 22.04 -26.83 -9.83
CA LEU A 9 20.69 -26.74 -9.18
C LEU A 9 20.85 -26.10 -7.81
N LEU A 10 21.84 -26.53 -7.07
CA LEU A 10 22.08 -25.98 -5.70
C LEU A 10 22.45 -24.49 -5.79
N HIS A 11 23.30 -24.16 -6.75
CA HIS A 11 23.76 -22.74 -6.91
C HIS A 11 22.65 -21.85 -7.51
N ILE A 12 21.55 -22.43 -7.95
CA ILE A 12 20.44 -21.64 -8.56
C ILE A 12 19.22 -21.63 -7.62
N PHE A 13 19.01 -22.72 -6.92
CA PHE A 13 17.85 -22.81 -5.99
C PHE A 13 18.12 -21.98 -4.73
N ILE A 14 19.31 -22.11 -4.18
CA ILE A 14 19.66 -21.33 -2.95
C ILE A 14 19.44 -19.82 -3.21
N PRO A 15 20.04 -19.18 -4.25
CA PRO A 15 19.80 -17.73 -4.49
C PRO A 15 18.33 -17.43 -4.80
N PHE A 16 17.68 -18.38 -5.44
CA PHE A 16 16.23 -18.21 -5.80
C PHE A 16 15.42 -18.01 -4.52
N SER A 17 15.71 -18.80 -3.52
CA SER A 17 14.97 -18.71 -2.23
C SER A 17 15.21 -17.35 -1.60
N ILE A 18 16.45 -16.89 -1.63
CA ILE A 18 16.80 -15.56 -1.02
C ILE A 18 16.08 -14.45 -1.80
N ILE A 19 16.12 -14.53 -3.11
CA ILE A 19 15.46 -13.50 -3.97
C ILE A 19 13.95 -13.51 -3.70
N ALA A 20 13.38 -14.70 -3.59
CA ALA A 20 11.91 -14.81 -3.34
C ALA A 20 11.56 -14.25 -1.95
N PHE A 21 12.45 -14.43 -1.00
CA PHE A 21 12.19 -13.92 0.39
C PHE A 21 12.12 -12.39 0.39
N ILE A 22 13.02 -11.76 -0.34
CA ILE A 22 13.02 -10.27 -0.41
C ILE A 22 11.87 -9.78 -1.29
N PHE A 23 11.48 -10.57 -2.27
CA PHE A 23 10.37 -10.19 -3.18
C PHE A 23 9.05 -10.27 -2.42
N ILE A 24 8.87 -11.35 -1.69
CA ILE A 24 7.61 -11.55 -0.89
C ILE A 24 7.59 -10.54 0.27
N ALA A 25 8.74 -10.27 0.84
CA ALA A 25 8.81 -9.31 1.99
C ALA A 25 8.56 -7.87 1.50
N THR A 26 9.06 -7.56 0.31
CA THR A 26 8.88 -6.19 -0.25
C THR A 26 7.42 -5.93 -0.61
N VAL A 27 6.77 -6.91 -1.22
CA VAL A 27 5.33 -6.73 -1.62
C VAL A 27 4.46 -6.50 -0.39
N ILE A 28 4.71 -7.24 0.68
CA ILE A 28 3.90 -7.05 1.93
C ILE A 28 4.21 -5.69 2.56
N ALA A 29 5.42 -5.22 2.39
CA ALA A 29 5.83 -3.89 2.95
C ALA A 29 5.03 -2.79 2.26
N LEU A 30 4.92 -2.89 0.96
CA LEU A 30 4.16 -1.87 0.17
C LEU A 30 2.71 -1.85 0.63
N ARG A 31 2.16 -3.02 0.85
CA ARG A 31 0.73 -3.12 1.31
C ARG A 31 0.58 -2.38 2.64
N LYS A 32 1.55 -2.54 3.52
CA LYS A 32 1.51 -1.85 4.85
C LYS A 32 1.53 -0.35 4.63
N GLN A 33 2.40 0.09 3.73
CA GLN A 33 2.52 1.55 3.42
C GLN A 33 1.21 2.06 2.82
N LEU A 34 0.60 1.25 1.97
CA LEU A 34 -0.68 1.65 1.32
C LEU A 34 -1.75 1.88 2.39
N SER A 35 -1.79 1.00 3.37
CA SER A 35 -2.78 1.13 4.48
C SER A 35 -2.52 2.44 5.25
N GLN A 36 -1.26 2.75 5.45
CA GLN A 36 -0.87 3.99 6.18
C GLN A 36 -1.54 5.22 5.54
N LYS A 37 -1.71 5.18 4.23
CA LYS A 37 -2.36 6.32 3.51
C LYS A 37 -3.75 6.56 4.11
N LEU A 38 -4.49 7.48 3.50
CA LEU A 38 -5.88 7.82 3.99
C LEU A 38 -5.78 8.60 5.30
N TYR A 39 -5.35 7.93 6.35
CA TYR A 39 -5.20 8.60 7.71
C TYR A 39 -6.40 9.52 8.00
N SER A 40 -7.57 8.92 8.09
CA SER A 40 -8.81 9.70 8.38
C SER A 40 -8.66 10.38 9.74
N SER A 41 -8.66 11.70 9.74
CA SER A 41 -8.51 12.46 11.01
C SER A 41 -8.93 13.90 10.79
N LYS A 42 -9.42 14.54 11.83
CA LYS A 42 -9.88 15.96 11.73
C LYS A 42 -8.66 16.84 11.40
N ASP A 43 -8.46 17.08 10.12
CA ASP A 43 -7.31 17.94 9.68
C ASP A 43 -7.59 18.50 8.29
N THR A 44 -7.79 19.79 8.21
CA THR A 44 -8.08 20.45 6.90
C THR A 44 -9.28 19.77 6.24
N THR A 45 -10.45 20.33 6.47
CA THR A 45 -11.70 19.75 5.88
C THR A 45 -12.61 20.89 5.41
N LYS A 46 -13.68 20.52 4.73
CA LYS A 46 -14.64 21.54 4.22
C LYS A 46 -15.31 22.23 5.40
N ARG A 47 -15.38 23.55 5.35
CA ARG A 47 -16.02 24.32 6.45
C ARG A 47 -17.55 24.24 6.32
N PRO A 48 -18.31 24.45 7.41
CA PRO A 48 -19.80 24.37 7.32
C PRO A 48 -20.41 25.55 6.55
N VAL A 49 -21.62 25.37 6.08
CA VAL A 49 -22.32 26.45 5.32
C VAL A 49 -22.56 27.63 6.26
N THR A 50 -22.34 28.82 5.76
CA THR A 50 -22.54 30.05 6.58
C THR A 50 -23.85 30.72 6.17
N THR A 51 -24.60 31.21 7.14
CA THR A 51 -25.89 31.88 6.85
C THR A 51 -25.65 33.08 5.94
N THR A 52 -24.76 33.96 6.38
CA THR A 52 -24.42 35.19 5.58
C THR A 52 -25.67 36.06 5.45
N LYS A 53 -25.47 37.36 5.34
CA LYS A 53 -26.61 38.31 5.19
C LYS A 53 -26.17 39.48 4.30
N ARG A 54 -25.29 40.32 4.82
CA ARG A 54 -24.78 41.49 4.02
C ARG A 54 -25.96 42.27 3.40
N GLU A 55 -27.13 42.17 4.00
CA GLU A 55 -28.34 42.89 3.46
C GLU A 55 -28.54 42.49 1.99
N VAL A 56 -29.33 41.46 1.78
CA VAL A 56 -29.60 40.98 0.39
C VAL A 56 -30.71 41.82 -0.22
N ASN A 57 -30.41 43.07 -0.50
CA ASN A 57 -31.41 44.00 -1.10
C ASN A 57 -32.67 44.04 -0.23
N SER A 58 -32.48 44.16 1.07
CA SER A 58 -33.64 44.21 2.01
C SER A 58 -33.47 45.42 2.93
N ALA A 59 -33.85 46.59 2.42
CA ALA A 59 -33.73 47.84 3.22
C ALA A 59 -34.35 48.99 2.43
N ILE A 60 -35.42 49.56 2.96
CA ILE A 60 -36.14 50.70 2.30
C ILE A 60 -36.26 50.48 0.79
N GLU A 1 29.05 -47.67 -8.58
CA GLU A 1 29.61 -46.85 -7.47
C GLU A 1 28.56 -45.82 -7.02
N PRO A 2 28.64 -45.28 -5.80
CA PRO A 2 27.63 -44.27 -5.34
C PRO A 2 27.56 -43.05 -6.25
N ARG A 3 26.37 -42.50 -6.41
CA ARG A 3 26.20 -41.30 -7.29
C ARG A 3 26.28 -40.04 -6.43
N THR A 4 26.67 -38.94 -7.05
CA THR A 4 26.79 -37.65 -6.31
C THR A 4 25.60 -36.75 -6.65
N HIS A 5 25.33 -35.80 -5.78
CA HIS A 5 24.20 -34.85 -6.00
C HIS A 5 24.73 -33.59 -6.73
N PRO A 6 24.44 -33.37 -8.02
CA PRO A 6 24.96 -32.16 -8.72
C PRO A 6 24.72 -30.87 -7.93
N THR A 7 25.76 -30.08 -7.79
CA THR A 7 25.65 -28.80 -7.03
C THR A 7 24.94 -27.73 -7.87
N TRP A 8 24.88 -27.92 -9.17
CA TRP A 8 24.20 -26.92 -10.06
C TRP A 8 22.76 -26.73 -9.59
N LEU A 9 22.10 -27.81 -9.25
CA LEU A 9 20.69 -27.75 -8.76
C LEU A 9 20.64 -26.83 -7.55
N LEU A 10 21.44 -27.13 -6.56
CA LEU A 10 21.48 -26.27 -5.33
C LEU A 10 21.94 -24.85 -5.69
N HIS A 11 22.73 -24.74 -6.74
CA HIS A 11 23.25 -23.41 -7.18
C HIS A 11 22.13 -22.50 -7.70
N ILE A 12 21.01 -23.06 -8.13
CA ILE A 12 19.90 -22.20 -8.68
C ILE A 12 18.80 -21.99 -7.61
N PHE A 13 18.58 -22.99 -6.78
CA PHE A 13 17.51 -22.87 -5.73
C PHE A 13 17.94 -21.92 -4.62
N ILE A 14 19.20 -21.96 -4.25
CA ILE A 14 19.71 -21.05 -3.17
C ILE A 14 19.49 -19.58 -3.59
N PRO A 15 20.01 -19.10 -4.74
CA PRO A 15 19.78 -17.66 -5.13
C PRO A 15 18.30 -17.34 -5.26
N PHE A 16 17.54 -18.28 -5.76
CA PHE A 16 16.07 -18.06 -5.94
C PHE A 16 15.42 -17.81 -4.57
N SER A 17 15.85 -18.55 -3.58
CA SER A 17 15.27 -18.41 -2.21
C SER A 17 15.48 -16.98 -1.69
N ILE A 18 16.71 -16.49 -1.75
CA ILE A 18 17.00 -15.11 -1.25
C ILE A 18 16.27 -14.06 -2.09
N ILE A 19 16.10 -14.31 -3.37
CA ILE A 19 15.39 -13.34 -4.26
C ILE A 19 13.92 -13.27 -3.83
N ALA A 20 13.33 -14.41 -3.53
CA ALA A 20 11.90 -14.46 -3.12
C ALA A 20 11.71 -13.73 -1.79
N PHE A 21 12.68 -13.86 -0.90
CA PHE A 21 12.57 -13.19 0.44
C PHE A 21 12.53 -11.67 0.25
N ILE A 22 13.41 -11.16 -0.57
CA ILE A 22 13.45 -9.67 -0.81
C ILE A 22 12.26 -9.25 -1.68
N PHE A 23 11.78 -10.15 -2.51
CA PHE A 23 10.62 -9.83 -3.41
C PHE A 23 9.34 -9.71 -2.59
N ILE A 24 9.09 -10.70 -1.74
CA ILE A 24 7.85 -10.69 -0.90
C ILE A 24 7.97 -9.60 0.18
N ALA A 25 9.15 -9.40 0.70
CA ALA A 25 9.37 -8.37 1.76
C ALA A 25 8.96 -7.00 1.22
N THR A 26 9.33 -6.72 -0.01
CA THR A 26 9.00 -5.39 -0.62
C THR A 26 7.50 -5.28 -0.84
N VAL A 27 6.87 -6.35 -1.30
CA VAL A 27 5.40 -6.31 -1.56
C VAL A 27 4.65 -6.13 -0.23
N ILE A 28 5.06 -6.86 0.78
CA ILE A 28 4.39 -6.76 2.12
C ILE A 28 4.68 -5.38 2.72
N ALA A 29 5.91 -4.95 2.64
CA ALA A 29 6.29 -3.61 3.21
C ALA A 29 5.50 -2.51 2.50
N LEU A 30 5.49 -2.55 1.19
CA LEU A 30 4.76 -1.52 0.39
C LEU A 30 3.26 -1.63 0.67
N ARG A 31 2.76 -2.84 0.71
CA ARG A 31 1.31 -3.06 0.97
C ARG A 31 0.94 -2.52 2.35
N LYS A 32 1.81 -2.74 3.32
CA LYS A 32 1.56 -2.24 4.70
C LYS A 32 1.44 -0.73 4.69
N GLN A 33 2.34 -0.08 3.99
CA GLN A 33 2.33 1.41 3.90
C GLN A 33 1.03 1.87 3.25
N LEU A 34 0.65 1.20 2.18
CA LEU A 34 -0.61 1.56 1.45
C LEU A 34 -1.82 1.31 2.36
N SER A 35 -1.76 0.25 3.13
CA SER A 35 -2.89 -0.09 4.05
C SER A 35 -3.15 1.07 5.01
N GLN A 36 -2.08 1.67 5.50
CA GLN A 36 -2.22 2.82 6.45
C GLN A 36 -3.06 3.93 5.81
N LYS A 37 -2.62 4.41 4.67
CA LYS A 37 -3.37 5.50 3.94
C LYS A 37 -3.77 6.62 4.92
N LEU A 38 -2.96 6.83 5.95
CA LEU A 38 -3.25 7.89 6.96
C LEU A 38 -4.64 7.66 7.55
N TYR A 39 -5.01 8.49 8.50
CA TYR A 39 -6.35 8.36 9.16
C TYR A 39 -6.92 9.74 9.46
N SER A 40 -8.23 9.82 9.56
CA SER A 40 -8.90 11.12 9.86
C SER A 40 -10.27 10.85 10.46
N SER A 41 -11.09 10.11 9.72
CA SER A 41 -12.47 9.76 10.19
C SER A 41 -13.19 10.99 10.73
N LYS A 42 -13.93 11.66 9.87
CA LYS A 42 -14.69 12.88 10.29
C LYS A 42 -13.72 13.89 10.92
N ASP A 43 -14.25 15.01 11.37
CA ASP A 43 -13.42 16.07 12.01
C ASP A 43 -12.40 16.58 10.99
N THR A 44 -11.79 17.71 11.29
CA THR A 44 -10.76 18.34 10.39
C THR A 44 -11.47 19.00 9.20
N THR A 45 -12.27 18.25 8.49
CA THR A 45 -13.01 18.81 7.31
C THR A 45 -14.51 18.55 7.49
N LYS A 46 -15.25 19.60 7.75
CA LYS A 46 -16.73 19.47 7.94
C LYS A 46 -17.40 20.72 7.39
N ARG A 47 -18.53 20.54 6.75
CA ARG A 47 -19.29 21.70 6.17
C ARG A 47 -20.21 22.28 7.25
N PRO A 48 -20.42 23.61 7.33
CA PRO A 48 -21.32 24.19 8.38
C PRO A 48 -22.77 23.74 8.20
N VAL A 49 -23.46 23.53 9.30
CA VAL A 49 -24.89 23.11 9.25
C VAL A 49 -25.74 24.13 9.99
N THR A 50 -26.84 24.52 9.37
CA THR A 50 -27.76 25.53 10.00
C THR A 50 -27.02 26.86 10.17
N THR A 51 -27.43 27.86 9.42
CA THR A 51 -26.78 29.20 9.50
C THR A 51 -27.09 29.83 10.86
N THR A 52 -26.38 30.89 11.18
CA THR A 52 -26.60 31.58 12.48
C THR A 52 -27.10 33.00 12.21
N LYS A 53 -27.86 33.53 13.15
CA LYS A 53 -28.43 34.92 13.00
C LYS A 53 -29.42 34.94 11.85
N ARG A 54 -30.51 35.64 12.02
CA ARG A 54 -31.55 35.73 10.95
C ARG A 54 -30.97 36.46 9.74
N GLU A 55 -31.48 36.13 8.58
CA GLU A 55 -30.99 36.77 7.32
C GLU A 55 -31.98 36.50 6.19
N VAL A 56 -32.46 35.27 6.12
CA VAL A 56 -33.45 34.90 5.05
C VAL A 56 -34.75 35.69 5.23
N ASN A 57 -35.12 35.95 6.47
CA ASN A 57 -36.38 36.71 6.76
C ASN A 57 -36.37 38.03 5.99
N SER A 58 -37.09 38.06 4.90
CA SER A 58 -37.16 39.31 4.06
C SER A 58 -38.62 39.67 3.83
N ALA A 59 -39.39 38.70 3.38
CA ALA A 59 -40.85 38.95 3.11
C ALA A 59 -41.61 38.94 4.43
N ILE A 60 -42.65 39.73 4.50
CA ILE A 60 -43.48 39.82 5.75
C ILE A 60 -44.05 38.43 6.05
N GLU A 1 35.48 -43.50 -9.04
CA GLU A 1 34.68 -42.31 -9.44
C GLU A 1 33.75 -41.89 -8.28
N PRO A 2 34.29 -41.38 -7.16
CA PRO A 2 33.42 -40.96 -6.02
C PRO A 2 32.39 -39.93 -6.44
N ARG A 3 31.18 -40.07 -5.91
CA ARG A 3 30.08 -39.11 -6.26
C ARG A 3 29.53 -38.48 -4.99
N THR A 4 29.19 -37.22 -5.08
CA THR A 4 28.63 -36.49 -3.89
C THR A 4 27.47 -35.60 -4.36
N HIS A 5 26.65 -35.16 -3.43
CA HIS A 5 25.50 -34.27 -3.79
C HIS A 5 26.06 -33.02 -4.50
N PRO A 6 25.81 -32.80 -5.81
CA PRO A 6 26.37 -31.60 -6.50
C PRO A 6 25.92 -30.29 -5.86
N THR A 7 26.86 -29.40 -5.63
CA THR A 7 26.54 -28.08 -5.01
C THR A 7 25.90 -27.13 -6.05
N TRP A 8 26.02 -27.48 -7.33
CA TRP A 8 25.43 -26.62 -8.40
C TRP A 8 23.92 -26.53 -8.22
N LEU A 9 23.30 -27.62 -7.84
CA LEU A 9 21.81 -27.64 -7.65
C LEU A 9 21.40 -26.52 -6.68
N LEU A 10 21.96 -26.52 -5.49
CA LEU A 10 21.61 -25.44 -4.49
C LEU A 10 22.21 -24.11 -4.92
N HIS A 11 23.20 -24.14 -5.80
CA HIS A 11 23.85 -22.87 -6.28
C HIS A 11 22.82 -22.00 -7.00
N ILE A 12 21.88 -22.62 -7.68
CA ILE A 12 20.83 -21.85 -8.43
C ILE A 12 19.58 -21.71 -7.55
N PHE A 13 19.20 -22.77 -6.88
CA PHE A 13 17.98 -22.73 -6.00
C PHE A 13 18.11 -21.62 -4.95
N ILE A 14 19.30 -21.44 -4.41
CA ILE A 14 19.51 -20.38 -3.37
C ILE A 14 19.13 -18.99 -3.97
N PRO A 15 19.79 -18.49 -5.02
CA PRO A 15 19.42 -17.16 -5.59
C PRO A 15 17.92 -17.02 -5.82
N PHE A 16 17.31 -18.02 -6.42
CA PHE A 16 15.84 -17.97 -6.69
C PHE A 16 15.07 -17.91 -5.37
N SER A 17 15.60 -18.56 -4.34
CA SER A 17 14.93 -18.57 -3.01
C SER A 17 14.96 -17.18 -2.39
N ILE A 18 16.15 -16.63 -2.23
CA ILE A 18 16.30 -15.28 -1.61
C ILE A 18 15.54 -14.24 -2.45
N ILE A 19 15.64 -14.35 -3.76
CA ILE A 19 14.93 -13.38 -4.66
C ILE A 19 13.42 -13.50 -4.41
N ALA A 20 12.94 -14.72 -4.24
CA ALA A 20 11.47 -14.93 -4.01
C ALA A 20 11.06 -14.32 -2.68
N PHE A 21 11.92 -14.40 -1.68
CA PHE A 21 11.59 -13.82 -0.33
C PHE A 21 11.53 -12.30 -0.41
N ILE A 22 12.45 -11.72 -1.14
CA ILE A 22 12.48 -10.23 -1.29
C ILE A 22 11.23 -9.77 -2.06
N PHE A 23 10.86 -10.51 -3.08
CA PHE A 23 9.68 -10.15 -3.90
C PHE A 23 8.41 -10.18 -3.04
N ILE A 24 8.22 -11.25 -2.29
CA ILE A 24 7.01 -11.38 -1.43
C ILE A 24 7.08 -10.37 -0.27
N ALA A 25 8.27 -10.18 0.27
CA ALA A 25 8.44 -9.22 1.42
C ALA A 25 8.23 -7.78 0.94
N THR A 26 8.66 -7.49 -0.27
CA THR A 26 8.52 -6.10 -0.82
C THR A 26 7.04 -5.76 -1.03
N VAL A 27 6.31 -6.65 -1.65
CA VAL A 27 4.85 -6.39 -1.93
C VAL A 27 4.08 -6.29 -0.60
N ILE A 28 4.38 -7.18 0.32
CA ILE A 28 3.67 -7.15 1.65
C ILE A 28 4.05 -5.87 2.40
N ALA A 29 5.32 -5.54 2.38
CA ALA A 29 5.80 -4.32 3.09
C ALA A 29 5.24 -3.06 2.42
N LEU A 30 5.15 -3.08 1.11
CA LEU A 30 4.62 -1.91 0.36
C LEU A 30 3.14 -1.74 0.69
N ARG A 31 2.42 -2.84 0.70
CA ARG A 31 0.95 -2.80 1.01
C ARG A 31 0.75 -2.28 2.43
N LYS A 32 1.52 -2.78 3.35
CA LYS A 32 1.41 -2.35 4.79
C LYS A 32 1.79 -0.87 4.90
N GLN A 33 2.84 -0.49 4.21
CA GLN A 33 3.31 0.93 4.24
C GLN A 33 2.19 1.83 3.73
N LEU A 34 1.60 1.45 2.63
CA LEU A 34 0.48 2.24 2.03
C LEU A 34 -0.73 2.22 2.96
N SER A 35 -0.98 1.07 3.55
CA SER A 35 -2.14 0.92 4.49
C SER A 35 -2.06 1.97 5.61
N GLN A 36 -0.86 2.30 6.02
CA GLN A 36 -0.68 3.31 7.11
C GLN A 36 -1.39 4.60 6.74
N LYS A 37 -1.27 5.00 5.49
CA LYS A 37 -1.92 6.25 5.01
C LYS A 37 -3.43 6.06 5.03
N LEU A 38 -4.06 6.44 6.12
CA LEU A 38 -5.54 6.29 6.25
C LEU A 38 -5.98 6.93 7.58
N TYR A 39 -5.45 6.42 8.66
CA TYR A 39 -5.81 6.96 10.02
C TYR A 39 -5.30 8.40 10.16
N SER A 40 -4.14 8.67 9.59
CA SER A 40 -3.55 10.05 9.67
C SER A 40 -4.55 11.05 9.10
N SER A 41 -5.17 10.71 8.00
CA SER A 41 -6.16 11.62 7.36
C SER A 41 -7.32 11.86 8.32
N LYS A 42 -7.66 13.11 8.53
CA LYS A 42 -8.76 13.48 9.46
C LYS A 42 -9.39 14.79 8.99
N ASP A 43 -8.61 15.83 8.97
CA ASP A 43 -9.12 17.17 8.53
C ASP A 43 -9.09 17.26 7.01
N THR A 44 -9.81 18.21 6.47
CA THR A 44 -9.84 18.39 4.98
C THR A 44 -10.21 19.83 4.65
N THR A 45 -9.60 20.76 5.36
CA THR A 45 -9.86 22.22 5.14
C THR A 45 -11.32 22.52 5.48
N LYS A 46 -11.59 23.76 5.83
CA LYS A 46 -13.00 24.16 6.18
C LYS A 46 -13.69 24.67 4.92
N ARG A 47 -14.80 24.03 4.58
CA ARG A 47 -15.57 24.45 3.37
C ARG A 47 -17.04 24.73 3.79
N PRO A 48 -17.38 25.97 4.20
CA PRO A 48 -18.79 26.28 4.62
C PRO A 48 -19.81 25.91 3.54
N VAL A 49 -20.92 25.34 3.95
CA VAL A 49 -21.98 24.93 2.98
C VAL A 49 -23.35 25.28 3.57
N THR A 50 -24.24 25.73 2.72
CA THR A 50 -25.63 26.10 3.14
C THR A 50 -25.56 27.07 4.33
N THR A 51 -26.73 27.48 4.80
CA THR A 51 -26.79 28.42 5.97
C THR A 51 -28.10 28.19 6.71
N THR A 52 -28.18 28.71 7.92
CA THR A 52 -29.42 28.55 8.74
C THR A 52 -30.55 29.38 8.12
N LYS A 53 -30.40 30.69 8.17
CA LYS A 53 -31.45 31.60 7.58
C LYS A 53 -30.98 33.04 7.72
N ARG A 54 -31.37 33.88 6.80
CA ARG A 54 -30.97 35.32 6.84
C ARG A 54 -32.22 36.19 6.85
N GLU A 55 -32.38 36.98 7.88
CA GLU A 55 -33.56 37.87 8.01
C GLU A 55 -33.23 39.23 7.40
N VAL A 56 -34.24 39.94 6.95
CA VAL A 56 -34.03 41.29 6.34
C VAL A 56 -33.14 41.13 5.11
N ASN A 57 -33.76 41.01 3.95
CA ASN A 57 -32.99 40.85 2.68
C ASN A 57 -33.62 41.71 1.59
N SER A 58 -32.88 42.68 1.11
CA SER A 58 -33.40 43.59 0.04
C SER A 58 -34.71 44.23 0.51
N ALA A 59 -34.62 45.42 1.06
CA ALA A 59 -35.83 46.15 1.56
C ALA A 59 -35.60 47.66 1.46
N ILE A 60 -34.94 48.09 0.40
CA ILE A 60 -34.66 49.55 0.21
C ILE A 60 -35.26 49.99 -1.14
N GLU A 1 30.33 -34.42 -14.73
CA GLU A 1 30.86 -33.95 -13.42
C GLU A 1 29.73 -33.90 -12.37
N PRO A 2 28.62 -33.16 -12.61
CA PRO A 2 27.52 -33.10 -11.60
C PRO A 2 27.01 -34.49 -11.23
N ARG A 3 27.21 -34.87 -9.98
CA ARG A 3 26.75 -36.21 -9.51
C ARG A 3 26.31 -36.11 -8.05
N THR A 4 25.30 -36.89 -7.69
CA THR A 4 24.76 -36.90 -6.29
C THR A 4 24.01 -35.59 -6.01
N HIS A 5 24.74 -34.50 -5.93
CA HIS A 5 24.11 -33.17 -5.64
C HIS A 5 24.29 -32.24 -6.88
N PRO A 6 23.32 -32.18 -7.82
CA PRO A 6 23.48 -31.29 -9.01
C PRO A 6 23.88 -29.87 -8.61
N THR A 7 24.98 -29.41 -9.17
CA THR A 7 25.48 -28.03 -8.85
C THR A 7 24.46 -27.00 -9.31
N TRP A 8 23.91 -27.20 -10.50
CA TRP A 8 22.90 -26.24 -11.06
C TRP A 8 21.74 -26.07 -10.07
N LEU A 9 21.29 -27.15 -9.50
CA LEU A 9 20.15 -27.09 -8.53
C LEU A 9 20.49 -26.12 -7.41
N LEU A 10 21.68 -26.25 -6.86
CA LEU A 10 22.14 -25.35 -5.76
C LEU A 10 22.36 -23.93 -6.30
N HIS A 11 22.88 -23.83 -7.49
CA HIS A 11 23.16 -22.50 -8.12
C HIS A 11 21.86 -21.82 -8.59
N ILE A 12 20.72 -22.47 -8.40
CA ILE A 12 19.41 -21.87 -8.83
C ILE A 12 18.50 -21.70 -7.62
N PHE A 13 18.49 -22.70 -6.75
CA PHE A 13 17.61 -22.64 -5.54
C PHE A 13 18.17 -21.63 -4.53
N ILE A 14 19.43 -21.76 -4.20
CA ILE A 14 20.06 -20.82 -3.21
C ILE A 14 19.88 -19.35 -3.66
N PRO A 15 20.27 -18.94 -4.88
CA PRO A 15 20.09 -17.52 -5.30
C PRO A 15 18.62 -17.07 -5.28
N PHE A 16 17.80 -17.77 -6.02
CA PHE A 16 16.34 -17.41 -6.08
C PHE A 16 15.71 -17.47 -4.68
N SER A 17 16.23 -18.32 -3.83
CA SER A 17 15.69 -18.47 -2.45
C SER A 17 15.84 -17.16 -1.69
N ILE A 18 17.01 -16.57 -1.77
CA ILE A 18 17.28 -15.27 -1.05
C ILE A 18 16.41 -14.16 -1.66
N ILE A 19 16.38 -14.09 -2.97
CA ILE A 19 15.59 -13.02 -3.65
C ILE A 19 14.11 -13.18 -3.31
N ALA A 20 13.62 -14.40 -3.35
CA ALA A 20 12.18 -14.66 -3.05
C ALA A 20 11.84 -14.16 -1.64
N PHE A 21 12.71 -14.40 -0.70
CA PHE A 21 12.47 -13.95 0.70
C PHE A 21 12.29 -12.43 0.73
N ILE A 22 13.17 -11.74 0.05
CA ILE A 22 13.10 -10.24 0.00
C ILE A 22 11.81 -9.82 -0.70
N PHE A 23 11.46 -10.50 -1.77
CA PHE A 23 10.22 -10.16 -2.54
C PHE A 23 9.00 -10.27 -1.63
N ILE A 24 8.91 -11.36 -0.89
CA ILE A 24 7.75 -11.58 0.03
C ILE A 24 7.75 -10.48 1.11
N ALA A 25 8.91 -10.21 1.66
CA ALA A 25 9.03 -9.17 2.73
C ALA A 25 8.69 -7.79 2.17
N THR A 26 9.04 -7.56 0.92
CA THR A 26 8.79 -6.22 0.29
C THR A 26 7.31 -6.05 -0.06
N VAL A 27 6.69 -7.09 -0.59
CA VAL A 27 5.25 -7.00 -0.99
C VAL A 27 4.33 -6.90 0.24
N ILE A 28 4.79 -7.39 1.38
CA ILE A 28 3.95 -7.32 2.62
C ILE A 28 4.12 -5.93 3.25
N ALA A 29 5.35 -5.51 3.39
CA ALA A 29 5.64 -4.17 3.99
C ALA A 29 5.14 -3.07 3.06
N LEU A 30 5.30 -3.27 1.77
CA LEU A 30 4.85 -2.24 0.78
C LEU A 30 3.32 -2.15 0.78
N ARG A 31 2.66 -3.28 0.87
CA ARG A 31 1.17 -3.30 0.87
C ARG A 31 0.62 -2.55 2.09
N LYS A 32 1.19 -2.82 3.25
CA LYS A 32 0.71 -2.15 4.50
C LYS A 32 1.07 -0.67 4.47
N GLN A 33 2.25 -0.36 3.98
CA GLN A 33 2.70 1.08 3.90
C GLN A 33 1.76 1.85 2.99
N LEU A 34 1.55 1.33 1.80
CA LEU A 34 0.63 1.99 0.81
C LEU A 34 -0.79 1.97 1.36
N SER A 35 -1.18 0.87 1.97
CA SER A 35 -2.57 0.74 2.51
C SER A 35 -2.87 1.90 3.46
N GLN A 36 -1.89 2.30 4.24
CA GLN A 36 -2.09 3.43 5.20
C GLN A 36 -2.55 4.67 4.44
N LYS A 37 -1.89 4.96 3.34
CA LYS A 37 -2.23 6.14 2.49
C LYS A 37 -2.00 7.44 3.28
N LEU A 38 -2.94 7.80 4.14
CA LEU A 38 -2.80 9.04 4.95
C LEU A 38 -3.36 8.80 6.35
N TYR A 39 -3.28 9.79 7.20
CA TYR A 39 -3.80 9.66 8.60
C TYR A 39 -5.08 10.48 8.74
N SER A 40 -6.19 9.88 8.40
CA SER A 40 -7.52 10.57 8.49
C SER A 40 -7.46 11.92 7.75
N SER A 41 -6.68 11.98 6.69
CA SER A 41 -6.57 13.25 5.90
C SER A 41 -6.66 12.93 4.41
N LYS A 42 -7.42 13.73 3.69
CA LYS A 42 -7.60 13.51 2.23
C LYS A 42 -6.96 14.68 1.46
N ASP A 43 -5.82 15.14 1.95
CA ASP A 43 -5.08 16.27 1.30
C ASP A 43 -5.93 17.56 1.38
N THR A 44 -6.92 17.69 0.52
CA THR A 44 -7.79 18.90 0.53
C THR A 44 -8.76 18.82 1.71
N THR A 45 -8.98 19.93 2.36
CA THR A 45 -9.90 19.96 3.54
C THR A 45 -11.35 20.04 3.04
N LYS A 46 -12.27 19.68 3.91
CA LYS A 46 -13.72 19.72 3.54
C LYS A 46 -14.24 21.14 3.69
N ARG A 47 -15.02 21.58 2.72
CA ARG A 47 -15.61 22.95 2.75
C ARG A 47 -16.46 23.11 4.03
N PRO A 48 -16.60 24.32 4.59
CA PRO A 48 -17.43 24.51 5.83
C PRO A 48 -18.88 24.06 5.63
N VAL A 49 -19.47 23.52 6.67
CA VAL A 49 -20.89 23.05 6.59
C VAL A 49 -21.75 23.92 7.50
N THR A 50 -22.83 24.45 6.96
CA THR A 50 -23.75 25.31 7.76
C THR A 50 -25.07 24.60 7.96
N THR A 51 -25.42 24.36 9.21
CA THR A 51 -26.71 23.66 9.53
C THR A 51 -27.70 24.63 10.18
N THR A 52 -27.59 25.90 9.83
CA THR A 52 -28.51 26.93 10.40
C THR A 52 -28.95 27.88 9.30
N LYS A 53 -30.09 28.52 9.49
CA LYS A 53 -30.63 29.48 8.48
C LYS A 53 -31.08 30.75 9.17
N ARG A 54 -30.62 31.88 8.68
CA ARG A 54 -31.01 33.19 9.29
C ARG A 54 -32.24 33.73 8.57
N GLU A 55 -33.18 34.23 9.35
CA GLU A 55 -34.44 34.79 8.76
C GLU A 55 -34.25 36.28 8.49
N VAL A 56 -34.46 36.69 7.26
CA VAL A 56 -34.30 38.13 6.87
C VAL A 56 -35.66 38.75 6.53
N ASN A 57 -36.54 37.94 5.97
CA ASN A 57 -37.90 38.45 5.59
C ASN A 57 -37.75 39.62 4.62
N SER A 58 -37.84 39.34 3.34
CA SER A 58 -37.71 40.41 2.30
C SER A 58 -39.10 40.90 1.90
N ALA A 59 -39.56 41.94 2.55
CA ALA A 59 -40.91 42.50 2.24
C ALA A 59 -40.84 44.02 2.29
N ILE A 60 -40.38 44.55 3.41
CA ILE A 60 -40.26 46.04 3.61
C ILE A 60 -41.46 46.79 3.02
N GLU A 1 30.77 -40.91 -2.56
CA GLU A 1 30.63 -40.60 -4.00
C GLU A 1 29.67 -39.40 -4.17
N PRO A 2 29.84 -38.54 -5.19
CA PRO A 2 28.91 -37.38 -5.37
C PRO A 2 27.52 -37.82 -5.83
N ARG A 3 26.67 -38.13 -4.88
CA ARG A 3 25.28 -38.59 -5.20
C ARG A 3 24.30 -37.99 -4.19
N THR A 4 23.10 -37.71 -4.64
CA THR A 4 22.06 -37.11 -3.73
C THR A 4 22.51 -35.75 -3.17
N HIS A 5 23.59 -35.21 -3.71
CA HIS A 5 24.09 -33.88 -3.22
C HIS A 5 24.51 -33.02 -4.44
N PRO A 6 23.58 -32.63 -5.32
CA PRO A 6 23.95 -31.80 -6.51
C PRO A 6 24.34 -30.38 -6.11
N THR A 7 25.51 -29.96 -6.53
CA THR A 7 26.01 -28.59 -6.21
C THR A 7 25.31 -27.55 -7.07
N TRP A 8 25.01 -27.91 -8.31
CA TRP A 8 24.34 -26.96 -9.25
C TRP A 8 22.93 -26.65 -8.73
N LEU A 9 22.19 -27.69 -8.39
CA LEU A 9 20.80 -27.49 -7.88
C LEU A 9 20.82 -26.67 -6.59
N LEU A 10 21.83 -26.86 -5.79
CA LEU A 10 21.95 -26.11 -4.49
C LEU A 10 22.38 -24.67 -4.77
N HIS A 11 23.28 -24.50 -5.71
CA HIS A 11 23.80 -23.14 -6.07
C HIS A 11 22.77 -22.34 -6.86
N ILE A 12 21.74 -22.98 -7.37
CA ILE A 12 20.69 -22.26 -8.16
C ILE A 12 19.45 -21.99 -7.28
N PHE A 13 19.19 -22.88 -6.34
CA PHE A 13 18.00 -22.72 -5.45
C PHE A 13 18.25 -21.56 -4.48
N ILE A 14 19.44 -21.49 -3.93
CA ILE A 14 19.77 -20.39 -2.97
C ILE A 14 19.51 -19.01 -3.64
N PRO A 15 20.12 -18.66 -4.80
CA PRO A 15 19.86 -17.33 -5.43
C PRO A 15 18.36 -17.13 -5.72
N PHE A 16 17.71 -18.19 -6.16
CA PHE A 16 16.25 -18.10 -6.50
C PHE A 16 15.45 -17.74 -5.26
N SER A 17 15.74 -18.40 -4.16
CA SER A 17 15.00 -18.15 -2.88
C SER A 17 15.22 -16.71 -2.42
N ILE A 18 16.41 -16.20 -2.61
CA ILE A 18 16.72 -14.80 -2.17
C ILE A 18 15.83 -13.83 -2.95
N ILE A 19 15.69 -14.06 -4.25
CA ILE A 19 14.84 -13.16 -5.09
C ILE A 19 13.39 -13.23 -4.59
N ALA A 20 12.93 -14.43 -4.31
CA ALA A 20 11.52 -14.61 -3.81
C ALA A 20 11.36 -13.96 -2.44
N PHE A 21 12.39 -14.03 -1.62
CA PHE A 21 12.32 -13.43 -0.25
C PHE A 21 12.04 -11.94 -0.36
N ILE A 22 12.92 -11.23 -1.02
CA ILE A 22 12.74 -9.74 -1.19
C ILE A 22 11.48 -9.45 -2.00
N PHE A 23 11.04 -10.41 -2.80
CA PHE A 23 9.82 -10.22 -3.64
C PHE A 23 8.59 -10.15 -2.74
N ILE A 24 8.49 -11.07 -1.80
CA ILE A 24 7.32 -11.09 -0.87
C ILE A 24 7.43 -9.96 0.16
N ALA A 25 8.64 -9.60 0.53
CA ALA A 25 8.84 -8.51 1.53
C ALA A 25 8.44 -7.17 0.92
N THR A 26 8.77 -6.97 -0.34
CA THR A 26 8.44 -5.70 -1.04
C THR A 26 6.94 -5.56 -1.20
N VAL A 27 6.30 -6.56 -1.75
CA VAL A 27 4.81 -6.51 -1.98
C VAL A 27 4.08 -6.34 -0.64
N ILE A 28 4.47 -7.09 0.36
CA ILE A 28 3.80 -6.98 1.70
C ILE A 28 4.13 -5.62 2.31
N ALA A 29 5.38 -5.23 2.21
CA ALA A 29 5.82 -3.92 2.80
C ALA A 29 5.01 -2.76 2.21
N LEU A 30 5.05 -2.61 0.91
CA LEU A 30 4.31 -1.49 0.26
C LEU A 30 2.80 -1.62 0.52
N ARG A 31 2.33 -2.85 0.63
CA ARG A 31 0.87 -3.08 0.89
C ARG A 31 0.52 -2.59 2.29
N LYS A 32 1.38 -2.89 3.25
CA LYS A 32 1.15 -2.48 4.66
C LYS A 32 1.31 -0.97 4.79
N GLN A 33 2.35 -0.44 4.18
CA GLN A 33 2.61 1.03 4.25
C GLN A 33 1.49 1.80 3.56
N LEU A 34 1.05 1.30 2.42
CA LEU A 34 -0.04 1.99 1.65
C LEU A 34 -1.35 1.96 2.44
N SER A 35 -1.63 0.84 3.06
CA SER A 35 -2.90 0.71 3.85
C SER A 35 -2.82 1.50 5.15
N GLN A 36 -1.66 1.46 5.79
CA GLN A 36 -1.48 2.19 7.09
C GLN A 36 -1.30 3.68 6.83
N LYS A 37 -0.31 4.03 6.02
CA LYS A 37 -0.03 5.46 5.72
C LYS A 37 -1.27 6.12 5.13
N LEU A 38 -1.88 5.48 4.15
CA LEU A 38 -3.10 6.05 3.50
C LEU A 38 -4.34 5.42 4.13
N TYR A 39 -5.06 6.20 4.90
CA TYR A 39 -6.31 5.68 5.56
C TYR A 39 -7.46 6.64 5.26
N SER A 40 -7.19 7.93 5.34
CA SER A 40 -8.24 8.96 5.06
C SER A 40 -7.58 10.22 4.53
N SER A 41 -8.23 10.86 3.58
CA SER A 41 -7.66 12.11 2.98
C SER A 41 -8.59 13.27 3.29
N LYS A 42 -8.04 14.29 3.94
CA LYS A 42 -8.86 15.49 4.31
C LYS A 42 -9.27 16.24 3.03
N ASP A 43 -8.37 16.31 2.08
CA ASP A 43 -8.67 17.02 0.79
C ASP A 43 -8.99 18.48 1.09
N THR A 44 -7.99 19.33 1.00
CA THR A 44 -8.19 20.78 1.27
C THR A 44 -9.07 21.38 0.18
N THR A 45 -10.22 21.90 0.56
CA THR A 45 -11.15 22.52 -0.41
C THR A 45 -11.69 23.83 0.15
N LYS A 46 -11.95 24.78 -0.71
CA LYS A 46 -12.47 26.11 -0.25
C LYS A 46 -13.87 25.92 0.33
N ARG A 47 -13.97 26.08 1.63
CA ARG A 47 -15.30 25.93 2.32
C ARG A 47 -15.82 27.32 2.73
N PRO A 48 -16.73 27.96 1.97
CA PRO A 48 -17.25 29.31 2.37
C PRO A 48 -17.92 29.28 3.74
N VAL A 49 -17.96 30.41 4.40
CA VAL A 49 -18.59 30.48 5.76
C VAL A 49 -20.10 30.61 5.60
N THR A 50 -20.83 29.66 6.16
CA THR A 50 -22.33 29.69 6.09
C THR A 50 -22.89 29.00 7.33
N THR A 51 -23.34 29.79 8.28
CA THR A 51 -23.92 29.24 9.54
C THR A 51 -25.35 29.75 9.71
N THR A 52 -25.55 31.01 9.39
CA THR A 52 -26.91 31.62 9.51
C THR A 52 -27.32 32.18 8.15
N LYS A 53 -28.50 32.77 8.07
CA LYS A 53 -28.99 33.35 6.77
C LYS A 53 -27.93 34.30 6.21
N ARG A 54 -27.70 34.19 4.91
CA ARG A 54 -26.68 35.07 4.26
C ARG A 54 -27.09 36.52 4.41
N GLU A 55 -28.28 36.84 3.93
CA GLU A 55 -28.80 38.25 4.01
C GLU A 55 -30.23 38.28 3.49
N VAL A 56 -31.01 39.20 4.01
CA VAL A 56 -32.44 39.33 3.57
C VAL A 56 -32.71 40.78 3.18
N ASN A 57 -33.70 40.99 2.34
CA ASN A 57 -34.04 42.37 1.89
C ASN A 57 -35.54 42.44 1.58
N SER A 58 -36.05 41.43 0.92
CA SER A 58 -37.50 41.40 0.57
C SER A 58 -38.08 40.04 0.95
N ALA A 59 -39.31 40.05 1.40
CA ALA A 59 -39.99 38.78 1.80
C ALA A 59 -41.50 39.01 1.85
N ILE A 60 -42.26 38.05 1.36
CA ILE A 60 -43.75 38.17 1.37
C ILE A 60 -44.33 37.11 2.32
N GLU A 1 27.25 -35.03 -12.72
CA GLU A 1 27.42 -36.41 -13.26
C GLU A 1 26.17 -37.25 -12.96
N PRO A 2 25.88 -38.31 -13.71
CA PRO A 2 24.66 -39.14 -13.44
C PRO A 2 24.58 -39.58 -11.98
N ARG A 3 25.71 -39.85 -11.38
CA ARG A 3 25.74 -40.27 -9.95
C ARG A 3 25.25 -39.12 -9.08
N THR A 4 24.56 -39.46 -8.00
CA THR A 4 24.01 -38.44 -7.04
C THR A 4 23.35 -37.28 -7.81
N HIS A 5 23.05 -36.19 -7.12
CA HIS A 5 22.41 -35.01 -7.79
C HIS A 5 23.46 -33.88 -7.95
N PRO A 6 23.51 -33.16 -9.08
CA PRO A 6 24.53 -32.07 -9.25
C PRO A 6 24.38 -30.97 -8.19
N THR A 7 25.49 -30.53 -7.65
CA THR A 7 25.46 -29.45 -6.61
C THR A 7 25.22 -28.08 -7.27
N TRP A 8 25.53 -27.97 -8.54
CA TRP A 8 25.34 -26.67 -9.26
C TRP A 8 23.88 -26.24 -9.13
N LEU A 9 22.98 -27.16 -9.34
CA LEU A 9 21.51 -26.84 -9.23
C LEU A 9 21.23 -26.35 -7.82
N LEU A 10 21.81 -27.00 -6.84
CA LEU A 10 21.60 -26.61 -5.41
C LEU A 10 22.12 -25.17 -5.23
N HIS A 11 23.25 -24.87 -5.82
CA HIS A 11 23.84 -23.50 -5.71
C HIS A 11 23.00 -22.47 -6.47
N ILE A 12 22.08 -22.92 -7.31
CA ILE A 12 21.22 -21.97 -8.10
C ILE A 12 19.86 -21.81 -7.40
N PHE A 13 19.32 -22.91 -6.92
CA PHE A 13 17.99 -22.87 -6.24
C PHE A 13 18.07 -22.07 -4.95
N ILE A 14 19.13 -22.27 -4.18
CA ILE A 14 19.28 -21.52 -2.89
C ILE A 14 19.19 -20.00 -3.15
N PRO A 15 20.04 -19.38 -4.00
CA PRO A 15 19.93 -17.90 -4.25
C PRO A 15 18.54 -17.52 -4.74
N PHE A 16 17.96 -18.38 -5.54
CA PHE A 16 16.60 -18.12 -6.10
C PHE A 16 15.60 -17.96 -4.94
N SER A 17 15.71 -18.84 -3.97
CA SER A 17 14.79 -18.78 -2.79
C SER A 17 14.94 -17.44 -2.08
N ILE A 18 16.17 -16.97 -1.96
CA ILE A 18 16.43 -15.66 -1.29
C ILE A 18 15.80 -14.54 -2.11
N ILE A 19 15.98 -14.60 -3.42
CA ILE A 19 15.41 -13.55 -4.31
C ILE A 19 13.89 -13.51 -4.14
N ALA A 20 13.28 -14.68 -4.08
CA ALA A 20 11.79 -14.76 -3.92
C ALA A 20 11.37 -14.08 -2.62
N PHE A 21 12.17 -14.27 -1.58
CA PHE A 21 11.84 -13.65 -0.26
C PHE A 21 11.78 -12.13 -0.41
N ILE A 22 12.74 -11.58 -1.11
CA ILE A 22 12.79 -10.10 -1.34
C ILE A 22 11.58 -9.69 -2.17
N PHE A 23 11.25 -10.47 -3.17
CA PHE A 23 10.08 -10.16 -4.05
C PHE A 23 8.81 -10.06 -3.21
N ILE A 24 8.58 -11.04 -2.37
CA ILE A 24 7.36 -11.03 -1.50
C ILE A 24 7.49 -9.93 -0.44
N ALA A 25 8.71 -9.64 -0.03
CA ALA A 25 8.93 -8.58 1.01
C ALA A 25 8.49 -7.21 0.50
N THR A 26 8.85 -6.89 -0.72
CA THR A 26 8.46 -5.55 -1.28
C THR A 26 6.93 -5.45 -1.42
N VAL A 27 6.28 -6.57 -1.71
CA VAL A 27 4.79 -6.56 -1.85
C VAL A 27 4.16 -6.26 -0.49
N ILE A 28 4.69 -6.90 0.55
CA ILE A 28 4.15 -6.68 1.94
C ILE A 28 4.37 -5.22 2.33
N ALA A 29 5.54 -4.69 2.04
CA ALA A 29 5.86 -3.27 2.38
C ALA A 29 4.81 -2.36 1.75
N LEU A 30 4.47 -2.62 0.52
CA LEU A 30 3.44 -1.79 -0.19
C LEU A 30 2.12 -1.87 0.58
N ARG A 31 1.77 -3.06 1.02
CA ARG A 31 0.51 -3.26 1.79
C ARG A 31 0.56 -2.40 3.05
N LYS A 32 1.69 -2.40 3.71
CA LYS A 32 1.86 -1.59 4.96
C LYS A 32 1.75 -0.10 4.61
N GLN A 33 2.32 0.28 3.48
CA GLN A 33 2.28 1.70 3.05
C GLN A 33 0.84 2.18 2.95
N LEU A 34 0.05 1.48 2.16
CA LEU A 34 -1.39 1.87 1.99
C LEU A 34 -2.17 1.67 3.31
N SER A 35 -1.61 0.91 4.24
CA SER A 35 -2.30 0.69 5.55
C SER A 35 -2.03 1.86 6.49
N GLN A 36 -0.81 2.35 6.46
CA GLN A 36 -0.41 3.48 7.35
C GLN A 36 -1.18 4.75 6.98
N LYS A 37 -1.32 5.01 5.70
CA LYS A 37 -2.05 6.24 5.25
C LYS A 37 -3.48 6.22 5.81
N LEU A 38 -4.18 7.31 5.66
CA LEU A 38 -5.58 7.41 6.17
C LEU A 38 -6.49 6.57 5.28
N TYR A 39 -7.31 5.76 5.89
CA TYR A 39 -8.26 4.88 5.12
C TYR A 39 -9.23 5.76 4.33
N SER A 40 -9.72 6.80 4.96
CA SER A 40 -10.69 7.72 4.29
C SER A 40 -10.36 9.16 4.66
N SER A 41 -10.89 10.09 3.90
CA SER A 41 -10.64 11.54 4.16
C SER A 41 -11.93 12.19 4.67
N LYS A 42 -11.85 12.85 5.79
CA LYS A 42 -13.06 13.53 6.37
C LYS A 42 -13.54 14.63 5.43
N ASP A 43 -12.60 15.33 4.83
CA ASP A 43 -12.97 16.44 3.87
C ASP A 43 -12.81 15.95 2.44
N THR A 44 -13.88 16.01 1.68
CA THR A 44 -13.84 15.55 0.26
C THR A 44 -14.46 16.64 -0.64
N THR A 45 -13.69 17.67 -0.89
CA THR A 45 -14.15 18.82 -1.75
C THR A 45 -15.62 19.18 -1.46
N LYS A 46 -16.01 19.04 -0.22
CA LYS A 46 -17.42 19.36 0.18
C LYS A 46 -17.40 20.16 1.48
N ARG A 47 -17.96 21.35 1.45
CA ARG A 47 -17.99 22.22 2.66
C ARG A 47 -19.07 21.70 3.63
N PRO A 48 -19.01 22.03 4.93
CA PRO A 48 -20.04 21.54 5.89
C PRO A 48 -21.41 22.19 5.65
N VAL A 49 -22.45 21.51 6.08
CA VAL A 49 -23.83 22.04 5.89
C VAL A 49 -24.33 22.60 7.23
N THR A 50 -24.60 23.88 7.26
CA THR A 50 -25.10 24.53 8.51
C THR A 50 -26.05 25.67 8.15
N THR A 51 -25.68 26.45 7.16
CA THR A 51 -26.54 27.59 6.73
C THR A 51 -27.86 27.05 6.20
N THR A 52 -28.94 27.65 6.65
CA THR A 52 -30.31 27.20 6.21
C THR A 52 -31.14 28.41 5.79
N LYS A 53 -31.03 28.78 4.53
CA LYS A 53 -31.80 29.95 3.97
C LYS A 53 -31.38 31.23 4.69
N ARG A 54 -30.84 32.17 3.94
CA ARG A 54 -30.40 33.47 4.53
C ARG A 54 -30.91 34.60 3.63
N GLU A 55 -30.52 35.83 3.94
CA GLU A 55 -30.96 37.01 3.13
C GLU A 55 -32.48 37.09 3.15
N VAL A 56 -33.01 37.90 4.04
CA VAL A 56 -34.49 38.07 4.16
C VAL A 56 -34.85 39.54 3.86
N ASN A 57 -34.63 39.94 2.63
CA ASN A 57 -34.93 41.35 2.21
C ASN A 57 -36.10 41.35 1.22
N SER A 58 -37.02 40.43 1.39
CA SER A 58 -38.20 40.34 0.48
C SER A 58 -39.05 41.59 0.65
N ALA A 59 -39.47 42.17 -0.45
CA ALA A 59 -40.31 43.41 -0.40
C ALA A 59 -41.08 43.55 -1.71
N ILE A 60 -42.18 44.27 -1.66
CA ILE A 60 -43.02 44.48 -2.87
C ILE A 60 -42.32 45.49 -3.79
#